data_6PBL
#
_entry.id   6PBL
#
_cell.length_a   57.560
_cell.length_b   79.790
_cell.length_c   152.470
_cell.angle_alpha   90.000
_cell.angle_beta   90.000
_cell.angle_gamma   90.000
#
_symmetry.space_group_name_H-M   'P 21 21 21'
#
loop_
_entity.id
_entity.type
_entity.pdbx_description
1 polymer 'Malate dehydrogenase'
2 water water
#
_entity_poly.entity_id   1
_entity_poly.type   'polypeptide(L)'
_entity_poly.pdbx_seq_one_letter_code
;MAHHHHHHMTNNRVRVAVTGAAGQIGYALVFRIASGQMFGPNTEVELNLLELEPALPSLEGVAMELDDCAFPLLKRIVCT
ADLNKAMDGVNWALLVGSVPRKQGMERSDLLQINGGIFTKQGQAINDYASDDVRVFVVGNPCNTNCLIAMNHAKDVPSDR
FYAMTTLDELRARTQLAKKAGVDITAVTQMTIWGNHSATQYPDFYNAKINGTSAAQVINDETWLKETFVSTVQQRGAAVI
KARGSSSAASAANAIITGVNHLVTDTPAGESFSMCRRSKGEYGVDEGLIFSFPCRREHGELKVVENLEFNDFGRERFNTT
LNELRSERDTVKSLGLLD
;
_entity_poly.pdbx_strand_id   A,B
#
# COMPACT_ATOMS: atom_id res chain seq x y z
N ASN A 12 -19.39 13.28 6.36
CA ASN A 12 -17.97 12.96 6.52
C ASN A 12 -17.41 12.42 5.21
N ARG A 13 -16.98 13.37 4.40
CA ARG A 13 -16.28 13.09 3.15
C ARG A 13 -15.14 14.10 3.07
N VAL A 14 -13.96 13.63 2.70
CA VAL A 14 -12.75 14.43 2.68
C VAL A 14 -12.22 14.41 1.26
N ARG A 15 -11.95 15.58 0.71
CA ARG A 15 -11.32 15.71 -0.59
C ARG A 15 -9.85 16.04 -0.38
N VAL A 16 -8.98 15.25 -1.00
CA VAL A 16 -7.54 15.24 -0.74
C VAL A 16 -6.81 15.43 -2.07
N ALA A 17 -5.98 16.47 -2.16
CA ALA A 17 -5.03 16.58 -3.27
C ALA A 17 -3.73 15.88 -2.91
N VAL A 18 -3.16 15.18 -3.88
CA VAL A 18 -1.88 14.50 -3.74
C VAL A 18 -1.04 14.94 -4.92
N THR A 19 0.06 15.66 -4.66
CA THR A 19 0.91 16.04 -5.77
C THR A 19 1.98 14.96 -6.01
N GLY A 20 2.65 15.06 -7.16
CA GLY A 20 3.57 14.00 -7.56
C GLY A 20 2.90 12.63 -7.57
N ALA A 21 1.62 12.58 -7.94
CA ALA A 21 0.81 11.40 -7.66
C ALA A 21 1.20 10.15 -8.44
N ALA A 22 1.94 10.27 -9.54
CA ALA A 22 2.37 9.07 -10.26
C ALA A 22 3.76 8.60 -9.82
N GLY A 23 4.38 9.27 -8.85
CA GLY A 23 5.69 8.85 -8.39
C GLY A 23 5.57 7.67 -7.44
N GLN A 24 6.72 7.21 -6.96
CA GLN A 24 6.74 5.98 -6.17
C GLN A 24 6.04 6.17 -4.83
N ILE A 25 6.26 7.31 -4.17
CA ILE A 25 5.54 7.55 -2.92
C ILE A 25 4.04 7.60 -3.17
N GLY A 26 3.61 8.40 -4.14
CA GLY A 26 2.18 8.50 -4.44
C GLY A 26 1.58 7.13 -4.75
N TYR A 27 2.29 6.31 -5.53
CA TYR A 27 1.77 5.00 -5.91
C TYR A 27 1.60 4.09 -4.69
N ALA A 28 2.49 4.20 -3.71
CA ALA A 28 2.41 3.46 -2.46
C ALA A 28 1.43 4.06 -1.49
N LEU A 29 1.01 5.32 -1.70
CA LEU A 29 0.17 6.05 -0.76
C LEU A 29 -1.32 5.95 -1.09
N VAL A 30 -1.69 6.12 -2.36
CA VAL A 30 -3.09 6.45 -2.65
C VAL A 30 -4.00 5.26 -2.35
N PHE A 31 -3.49 4.03 -2.49
CA PHE A 31 -4.34 2.87 -2.24
C PHE A 31 -4.65 2.73 -0.76
N ARG A 32 -3.67 3.00 0.10
CA ARG A 32 -3.95 2.96 1.52
C ARG A 32 -4.87 4.09 1.94
N ILE A 33 -4.77 5.25 1.31
CA ILE A 33 -5.73 6.31 1.62
C ILE A 33 -7.14 5.84 1.27
N ALA A 34 -7.31 5.34 0.03
CA ALA A 34 -8.63 4.94 -0.44
C ALA A 34 -9.21 3.78 0.36
N SER A 35 -8.34 2.99 0.99
CA SER A 35 -8.81 1.88 1.81
C SER A 35 -9.32 2.33 3.17
N GLY A 36 -9.19 3.62 3.52
CA GLY A 36 -9.71 4.14 4.78
C GLY A 36 -8.69 4.39 5.88
N GLN A 37 -7.41 4.13 5.63
CA GLN A 37 -6.43 4.16 6.72
C GLN A 37 -6.00 5.56 7.11
N MET A 38 -6.17 6.57 6.25
CA MET A 38 -5.74 7.91 6.63
C MET A 38 -6.77 8.61 7.49
N PHE A 39 -8.03 8.60 7.06
CA PHE A 39 -9.08 9.32 7.76
C PHE A 39 -10.06 8.44 8.51
N GLY A 40 -10.00 7.13 8.36
CA GLY A 40 -10.84 6.28 9.16
C GLY A 40 -11.85 5.51 8.34
N PRO A 41 -12.40 4.44 8.94
CA PRO A 41 -13.18 3.48 8.14
C PRO A 41 -14.54 3.97 7.69
N ASN A 42 -15.02 5.11 8.18
CA ASN A 42 -16.33 5.60 7.79
C ASN A 42 -16.26 6.96 7.10
N THR A 43 -15.07 7.37 6.68
CA THR A 43 -14.87 8.65 6.02
C THR A 43 -14.64 8.40 4.54
N GLU A 44 -15.58 8.85 3.72
CA GLU A 44 -15.40 8.79 2.28
C GLU A 44 -14.29 9.75 1.84
N VAL A 45 -13.65 9.43 0.73
CA VAL A 45 -12.50 10.17 0.22
CA VAL A 45 -12.53 10.21 0.23
C VAL A 45 -12.72 10.51 -1.25
N GLU A 46 -12.33 11.71 -1.64
CA GLU A 46 -12.21 12.09 -3.05
C GLU A 46 -10.73 12.41 -3.29
N LEU A 47 -10.13 11.72 -4.26
CA LEU A 47 -8.71 11.89 -4.55
C LEU A 47 -8.56 12.82 -5.73
N ASN A 48 -7.88 13.96 -5.51
CA ASN A 48 -7.49 14.86 -6.59
C ASN A 48 -5.99 14.65 -6.81
N LEU A 49 -5.63 14.06 -7.95
CA LEU A 49 -4.24 13.67 -8.19
C LEU A 49 -3.61 14.60 -9.22
N LEU A 50 -2.48 15.20 -8.86
CA LEU A 50 -1.80 16.18 -9.68
C LEU A 50 -0.48 15.59 -10.16
N GLU A 51 -0.16 15.83 -11.42
CA GLU A 51 1.14 15.50 -11.96
C GLU A 51 1.58 16.57 -12.93
N LEU A 52 2.86 16.49 -13.30
CA LEU A 52 3.33 17.24 -14.45
C LEU A 52 2.72 16.67 -15.73
N GLU A 53 2.61 17.52 -16.76
CA GLU A 53 1.97 17.11 -18.01
C GLU A 53 2.52 15.79 -18.59
N PRO A 54 3.84 15.58 -18.70
CA PRO A 54 4.33 14.33 -19.31
C PRO A 54 3.94 13.08 -18.55
N ALA A 55 3.65 13.17 -17.25
CA ALA A 55 3.28 12.02 -16.42
C ALA A 55 1.79 11.78 -16.31
N LEU A 56 0.94 12.60 -16.96
CA LEU A 56 -0.51 12.38 -16.91
C LEU A 56 -0.95 11.02 -17.46
N PRO A 57 -0.41 10.50 -18.58
CA PRO A 57 -0.82 9.16 -19.00
C PRO A 57 -0.56 8.09 -17.95
N SER A 58 0.60 8.14 -17.29
CA SER A 58 0.87 7.19 -16.23
C SER A 58 -0.13 7.35 -15.10
N LEU A 59 -0.49 8.59 -14.78
CA LEU A 59 -1.46 8.85 -13.72
C LEU A 59 -2.80 8.20 -14.04
N GLU A 60 -3.24 8.27 -15.31
CA GLU A 60 -4.48 7.60 -15.69
C GLU A 60 -4.41 6.11 -15.44
N GLY A 61 -3.24 5.49 -15.61
CA GLY A 61 -3.06 4.10 -15.23
C GLY A 61 -3.24 3.88 -13.74
N VAL A 62 -2.70 4.80 -12.93
CA VAL A 62 -2.89 4.72 -11.49
C VAL A 62 -4.36 4.78 -11.15
N ALA A 63 -5.11 5.68 -11.82
CA ALA A 63 -6.55 5.81 -11.59
C ALA A 63 -7.29 4.54 -11.98
N MET A 64 -6.89 3.91 -13.09
CA MET A 64 -7.50 2.62 -13.45
C MET A 64 -7.28 1.60 -12.33
N GLU A 65 -6.06 1.55 -11.79
CA GLU A 65 -5.80 0.62 -10.69
C GLU A 65 -6.64 0.91 -9.46
N LEU A 66 -6.81 2.20 -9.11
CA LEU A 66 -7.68 2.56 -7.99
C LEU A 66 -9.11 2.06 -8.24
N ASP A 67 -9.63 2.32 -9.43
CA ASP A 67 -10.96 1.82 -9.76
C ASP A 67 -11.01 0.29 -9.61
N ASP A 68 -9.93 -0.39 -9.95
CA ASP A 68 -9.87 -1.85 -9.96
C ASP A 68 -9.71 -2.44 -8.57
N CYS A 69 -9.69 -1.59 -7.54
CA CYS A 69 -9.74 -2.06 -6.15
C CYS A 69 -11.15 -2.06 -5.59
N ALA A 70 -12.12 -1.46 -6.28
CA ALA A 70 -13.52 -1.41 -5.84
C ALA A 70 -13.61 -0.99 -4.37
N PHE A 71 -12.93 0.12 -4.06
CA PHE A 71 -12.92 0.69 -2.71
C PHE A 71 -14.28 1.32 -2.38
N PRO A 72 -14.99 0.87 -1.34
CA PRO A 72 -16.29 1.48 -1.01
C PRO A 72 -16.19 2.94 -0.63
N LEU A 73 -15.06 3.36 -0.04
CA LEU A 73 -14.90 4.72 0.46
C LEU A 73 -14.48 5.70 -0.64
N LEU A 74 -13.97 5.22 -1.77
CA LEU A 74 -13.45 6.08 -2.83
C LEU A 74 -14.59 6.56 -3.71
N LYS A 75 -14.92 7.85 -3.61
CA LYS A 75 -16.11 8.40 -4.25
C LYS A 75 -15.81 9.22 -5.50
N ARG A 76 -14.57 9.64 -5.71
CA ARG A 76 -14.26 10.38 -6.92
C ARG A 76 -12.76 10.40 -7.14
N ILE A 77 -12.34 10.33 -8.41
CA ILE A 77 -10.93 10.46 -8.77
C ILE A 77 -10.80 11.55 -9.83
N VAL A 78 -9.94 12.53 -9.58
CA VAL A 78 -9.58 13.56 -10.55
C VAL A 78 -8.09 13.41 -10.86
N CYS A 79 -7.76 13.37 -12.14
CA CYS A 79 -6.37 13.32 -12.60
C CYS A 79 -6.12 14.54 -13.44
N THR A 80 -5.11 15.35 -13.08
CA THR A 80 -4.93 16.60 -13.81
C THR A 80 -3.50 17.08 -13.68
N ALA A 81 -3.10 17.94 -14.61
CA ALA A 81 -1.87 18.72 -14.49
C ALA A 81 -2.16 20.18 -14.14
N ASP A 82 -3.45 20.53 -13.99
CA ASP A 82 -3.86 21.88 -13.66
C ASP A 82 -3.88 22.02 -12.15
N LEU A 83 -2.99 22.87 -11.61
CA LEU A 83 -2.85 22.96 -10.16
C LEU A 83 -4.11 23.52 -9.51
N ASN A 84 -4.75 24.50 -10.15
CA ASN A 84 -5.96 25.07 -9.57
C ASN A 84 -7.09 24.05 -9.53
N LYS A 85 -7.24 23.26 -10.58
CA LYS A 85 -8.22 22.17 -10.55
C LYS A 85 -7.88 21.17 -9.45
N ALA A 86 -6.60 20.86 -9.27
CA ALA A 86 -6.25 19.89 -8.25
C ALA A 86 -6.62 20.39 -6.86
N MET A 87 -6.48 21.69 -6.61
CA MET A 87 -6.74 22.23 -5.27
C MET A 87 -8.20 22.63 -5.04
N ASP A 88 -9.04 22.64 -6.08
CA ASP A 88 -10.39 23.19 -5.95
C ASP A 88 -11.20 22.46 -4.88
N GLY A 89 -11.51 23.18 -3.79
CA GLY A 89 -12.31 22.65 -2.70
C GLY A 89 -11.69 21.51 -1.91
N VAL A 90 -10.37 21.35 -1.94
CA VAL A 90 -9.75 20.27 -1.18
C VAL A 90 -9.72 20.62 0.30
N ASN A 91 -9.85 19.58 1.13
CA ASN A 91 -9.75 19.72 2.57
C ASN A 91 -8.37 19.40 3.11
N TRP A 92 -7.59 18.64 2.34
CA TRP A 92 -6.21 18.34 2.66
C TRP A 92 -5.38 18.43 1.39
N ALA A 93 -4.23 19.07 1.49
CA ALA A 93 -3.29 19.10 0.38
C ALA A 93 -2.04 18.38 0.85
N LEU A 94 -1.76 17.21 0.24
CA LEU A 94 -0.53 16.47 0.54
C LEU A 94 0.51 16.83 -0.51
N LEU A 95 1.45 17.69 -0.14
CA LEU A 95 2.46 18.18 -1.09
C LEU A 95 3.64 17.23 -1.10
N VAL A 96 3.49 16.16 -1.87
CA VAL A 96 4.51 15.11 -1.93
C VAL A 96 5.59 15.45 -2.94
N GLY A 97 5.19 15.97 -4.09
CA GLY A 97 6.12 16.15 -5.18
C GLY A 97 7.09 17.28 -4.90
N SER A 98 8.32 17.11 -5.37
CA SER A 98 9.34 18.15 -5.29
C SER A 98 10.38 17.86 -6.37
N VAL A 99 11.39 18.70 -6.45
CA VAL A 99 12.49 18.52 -7.39
C VAL A 99 13.71 18.03 -6.61
N PRO A 100 14.26 16.86 -6.93
CA PRO A 100 15.50 16.40 -6.30
C PRO A 100 16.71 17.14 -6.83
N ARG A 101 17.81 17.02 -6.11
CA ARG A 101 19.06 17.66 -6.51
C ARG A 101 19.61 16.99 -7.76
N LYS A 102 19.96 17.78 -8.76
CA LYS A 102 20.44 17.25 -10.02
C LYS A 102 21.83 17.77 -10.35
N GLN A 103 22.41 17.20 -11.40
CA GLN A 103 23.78 17.49 -11.80
C GLN A 103 24.01 18.98 -11.99
N GLY A 104 25.03 19.51 -11.31
CA GLY A 104 25.39 20.90 -11.45
C GLY A 104 24.61 21.88 -10.59
N MET A 105 23.58 21.42 -9.87
CA MET A 105 22.87 22.30 -8.96
C MET A 105 23.74 22.69 -7.77
N GLU A 106 23.61 23.93 -7.33
CA GLU A 106 24.07 24.33 -6.01
C GLU A 106 22.91 24.23 -5.02
N ARG A 107 23.23 24.33 -3.72
CA ARG A 107 22.18 24.26 -2.71
C ARG A 107 21.13 25.36 -2.91
N SER A 108 21.57 26.59 -3.17
CA SER A 108 20.63 27.67 -3.45
C SER A 108 19.77 27.37 -4.67
N ASP A 109 20.32 26.69 -5.68
CA ASP A 109 19.53 26.33 -6.85
C ASP A 109 18.39 25.39 -6.49
N LEU A 110 18.67 24.39 -5.64
CA LEU A 110 17.61 23.47 -5.20
C LEU A 110 16.53 24.20 -4.41
N LEU A 111 16.92 25.12 -3.52
CA LEU A 111 15.93 25.88 -2.77
C LEU A 111 15.14 26.80 -3.68
N GLN A 112 15.82 27.36 -4.69
CA GLN A 112 15.18 28.27 -5.64
C GLN A 112 14.14 27.54 -6.48
N ILE A 113 14.49 26.37 -7.01
CA ILE A 113 13.57 25.61 -7.86
C ILE A 113 12.34 25.17 -7.07
N ASN A 114 12.57 24.54 -5.91
CA ASN A 114 11.45 24.06 -5.12
C ASN A 114 10.65 25.22 -4.54
N GLY A 115 11.35 26.32 -4.20
CA GLY A 115 10.65 27.51 -3.77
C GLY A 115 9.63 28.01 -4.78
N GLY A 116 10.04 28.11 -6.05
CA GLY A 116 9.09 28.48 -7.08
C GLY A 116 7.86 27.59 -7.09
N ILE A 117 8.07 26.28 -6.99
CA ILE A 117 6.96 25.33 -7.03
C ILE A 117 6.02 25.55 -5.84
N PHE A 118 6.59 25.69 -4.64
CA PHE A 118 5.76 25.78 -3.46
C PHE A 118 5.14 27.16 -3.26
N THR A 119 5.73 28.21 -3.83
CA THR A 119 5.04 29.48 -3.95
C THR A 119 3.72 29.29 -4.68
N LYS A 120 3.78 28.65 -5.85
CA LYS A 120 2.58 28.47 -6.66
C LYS A 120 1.57 27.56 -5.98
N GLN A 121 2.06 26.48 -5.35
CA GLN A 121 1.13 25.57 -4.69
C GLN A 121 0.49 26.21 -3.49
N GLY A 122 1.24 27.03 -2.74
CA GLY A 122 0.61 27.78 -1.67
C GLY A 122 -0.47 28.71 -2.18
N GLN A 123 -0.21 29.40 -3.30
CA GLN A 123 -1.18 30.37 -3.82
C GLN A 123 -2.41 29.68 -4.42
N ALA A 124 -2.23 28.53 -5.05
CA ALA A 124 -3.39 27.77 -5.49
C ALA A 124 -4.20 27.25 -4.30
N ILE A 125 -3.53 26.79 -3.25
CA ILE A 125 -4.24 26.38 -2.04
C ILE A 125 -5.03 27.56 -1.50
N ASN A 126 -4.39 28.73 -1.43
CA ASN A 126 -5.05 29.92 -0.90
C ASN A 126 -6.31 30.26 -1.69
N ASP A 127 -6.21 30.17 -3.01
CA ASP A 127 -7.27 30.72 -3.85
C ASP A 127 -8.34 29.71 -4.22
N TYR A 128 -8.09 28.42 -3.99
CA TYR A 128 -9.02 27.40 -4.46
C TYR A 128 -9.39 26.33 -3.45
N ALA A 129 -8.55 26.09 -2.41
CA ALA A 129 -8.85 25.00 -1.50
C ALA A 129 -10.05 25.36 -0.61
N SER A 130 -10.59 24.34 0.05
CA SER A 130 -11.68 24.55 0.98
C SER A 130 -11.24 25.47 2.11
N ASP A 131 -12.21 26.17 2.71
CA ASP A 131 -11.90 27.06 3.83
C ASP A 131 -11.22 26.32 4.97
N ASP A 132 -11.52 25.04 5.16
CA ASP A 132 -10.96 24.29 6.28
C ASP A 132 -9.66 23.58 5.94
N VAL A 133 -9.03 23.93 4.81
CA VAL A 133 -7.92 23.13 4.31
C VAL A 133 -6.77 23.05 5.32
N ARG A 134 -6.13 21.89 5.40
CA ARG A 134 -4.85 21.72 6.06
C ARG A 134 -3.84 21.21 5.04
N VAL A 135 -2.57 21.57 5.24
CA VAL A 135 -1.52 21.37 4.25
C VAL A 135 -0.41 20.55 4.90
N PHE A 136 0.03 19.50 4.22
CA PHE A 136 0.95 18.52 4.80
C PHE A 136 2.07 18.31 3.79
N VAL A 137 3.25 18.85 4.07
CA VAL A 137 4.35 18.92 3.10
C VAL A 137 5.33 17.78 3.36
N VAL A 138 5.64 17.03 2.30
CA VAL A 138 6.53 15.88 2.35
C VAL A 138 7.78 16.08 1.49
N GLY A 139 7.61 16.65 0.30
CA GLY A 139 8.75 16.76 -0.61
C GLY A 139 9.83 17.69 -0.06
N ASN A 140 11.10 17.29 -0.29
CA ASN A 140 12.21 17.99 0.34
C ASN A 140 12.61 19.25 -0.41
N PRO A 141 13.22 20.24 0.29
CA PRO A 141 13.37 20.30 1.76
C PRO A 141 12.04 20.65 2.42
N CYS A 142 11.44 19.74 3.20
CA CYS A 142 10.01 19.91 3.46
C CYS A 142 9.74 21.06 4.42
N ASN A 143 10.61 21.28 5.42
CA ASN A 143 10.35 22.39 6.33
C ASN A 143 10.30 23.71 5.58
N THR A 144 11.29 23.97 4.73
CA THR A 144 11.39 25.27 4.06
C THR A 144 10.39 25.36 2.91
N ASN A 145 10.11 24.26 2.21
CA ASN A 145 9.02 24.25 1.23
C ASN A 145 7.70 24.62 1.90
N CYS A 146 7.46 24.06 3.08
CA CYS A 146 6.25 24.39 3.85
C CYS A 146 6.23 25.86 4.25
N LEU A 147 7.35 26.39 4.75
CA LEU A 147 7.47 27.81 5.03
C LEU A 147 7.10 28.66 3.82
N ILE A 148 7.59 28.27 2.64
CA ILE A 148 7.32 29.10 1.45
C ILE A 148 5.84 29.04 1.08
N ALA A 149 5.26 27.84 1.08
CA ALA A 149 3.83 27.71 0.78
C ALA A 149 2.99 28.51 1.78
N MET A 150 3.30 28.38 3.08
CA MET A 150 2.56 29.09 4.12
C MET A 150 2.60 30.59 3.90
N ASN A 151 3.77 31.12 3.54
CA ASN A 151 3.89 32.55 3.32
C ASN A 151 3.19 33.03 2.04
N HIS A 152 2.73 32.12 1.18
CA HIS A 152 2.01 32.49 -0.04
C HIS A 152 0.52 32.16 0.04
N ALA A 153 0.01 31.91 1.25
CA ALA A 153 -1.39 31.61 1.48
C ALA A 153 -1.89 32.54 2.58
N LYS A 154 -2.00 33.84 2.25
CA LYS A 154 -2.32 34.87 3.24
C LYS A 154 -3.68 34.65 3.88
N ASP A 155 -4.59 34.01 3.17
CA ASP A 155 -5.95 33.83 3.67
C ASP A 155 -6.14 32.52 4.42
N VAL A 156 -5.11 31.68 4.46
CA VAL A 156 -5.17 30.41 5.19
C VAL A 156 -4.46 30.60 6.53
N PRO A 157 -5.10 30.28 7.65
CA PRO A 157 -4.44 30.46 8.95
C PRO A 157 -3.12 29.70 8.99
N SER A 158 -2.12 30.28 9.66
CA SER A 158 -0.77 29.69 9.62
C SER A 158 -0.66 28.39 10.40
N ASP A 159 -1.60 28.14 11.32
CA ASP A 159 -1.57 26.87 12.03
C ASP A 159 -2.13 25.72 11.21
N ARG A 160 -2.43 25.94 9.93
CA ARG A 160 -2.89 24.88 9.02
C ARG A 160 -1.77 24.18 8.27
N PHE A 161 -0.52 24.61 8.47
CA PHE A 161 0.59 24.17 7.64
C PHE A 161 1.54 23.29 8.44
N TYR A 162 1.80 22.11 7.90
CA TYR A 162 2.59 21.06 8.53
C TYR A 162 3.62 20.54 7.54
N ALA A 163 4.69 19.96 8.09
CA ALA A 163 5.67 19.20 7.31
C ALA A 163 6.01 17.92 8.09
N MET A 164 6.50 16.91 7.38
CA MET A 164 6.54 15.55 7.91
C MET A 164 7.91 15.18 8.45
N THR A 165 7.99 14.95 9.76
CA THR A 165 9.11 14.25 10.40
C THR A 165 8.66 12.88 10.93
N THR A 166 7.45 12.44 10.57
CA THR A 166 6.93 11.17 11.03
C THR A 166 7.81 9.98 10.62
N LEU A 167 8.36 10.01 9.40
CA LEU A 167 9.23 8.90 9.00
C LEU A 167 10.47 8.83 9.89
N ASP A 168 11.08 9.99 10.15
CA ASP A 168 12.21 10.04 11.08
C ASP A 168 11.82 9.43 12.42
N GLU A 169 10.63 9.81 12.90
CA GLU A 169 10.18 9.39 14.22
C GLU A 169 9.97 7.88 14.27
N LEU A 170 9.27 7.33 13.29
CA LEU A 170 9.06 5.87 13.28
C LEU A 170 10.38 5.11 13.16
N ARG A 171 11.33 5.62 12.35
CA ARG A 171 12.64 4.98 12.26
C ARG A 171 13.36 5.00 13.61
N ALA A 172 13.28 6.13 14.32
CA ALA A 172 13.89 6.21 15.65
C ALA A 172 13.20 5.27 16.64
N ARG A 173 11.87 5.16 16.57
CA ARG A 173 11.14 4.26 17.46
C ARG A 173 11.61 2.83 17.29
N THR A 174 11.76 2.36 16.05
CA THR A 174 12.21 0.98 15.84
C THR A 174 13.64 0.77 16.31
N GLN A 175 14.53 1.74 16.05
CA GLN A 175 15.91 1.60 16.51
C GLN A 175 15.97 1.49 18.03
N LEU A 176 15.12 2.23 18.75
CA LEU A 176 15.11 2.12 20.21
C LEU A 176 14.56 0.77 20.66
N ALA A 177 13.47 0.32 20.05
CA ALA A 177 12.86 -0.95 20.45
C ALA A 177 13.80 -2.11 20.18
N LYS A 178 14.48 -2.09 19.03
CA LYS A 178 15.45 -3.13 18.70
C LYS A 178 16.58 -3.16 19.72
N LYS A 179 17.15 -2.00 20.05
CA LYS A 179 18.30 -1.97 20.94
C LYS A 179 17.93 -2.43 22.36
N ALA A 180 16.75 -2.05 22.85
CA ALA A 180 16.30 -2.49 24.16
C ALA A 180 15.67 -3.88 24.15
N GLY A 181 15.55 -4.51 22.98
CA GLY A 181 14.86 -5.78 22.86
C GLY A 181 13.45 -5.78 23.41
N VAL A 182 12.66 -4.76 23.08
CA VAL A 182 11.28 -4.65 23.55
C VAL A 182 10.36 -4.56 22.32
N ASP A 183 9.07 -4.74 22.58
CA ASP A 183 8.07 -4.59 21.55
C ASP A 183 7.94 -3.12 21.13
N ILE A 184 7.63 -2.90 19.85
CA ILE A 184 7.58 -1.53 19.33
C ILE A 184 6.62 -0.68 20.15
N THR A 185 5.57 -1.29 20.68
CA THR A 185 4.59 -0.53 21.45
C THR A 185 5.09 -0.15 22.83
N ALA A 186 6.28 -0.60 23.23
CA ALA A 186 6.82 -0.19 24.52
C ALA A 186 7.53 1.16 24.44
N VAL A 187 7.77 1.65 23.21
CA VAL A 187 8.34 2.97 22.97
C VAL A 187 7.21 3.97 22.85
N THR A 188 7.32 5.09 23.58
CA THR A 188 6.33 6.16 23.54
C THR A 188 7.07 7.49 23.50
N GLN A 189 6.36 8.53 23.04
CA GLN A 189 6.82 9.93 23.13
C GLN A 189 8.13 10.15 22.38
N MET A 190 8.20 9.66 21.14
CA MET A 190 9.42 9.86 20.35
C MET A 190 9.37 11.23 19.67
N THR A 191 10.34 12.09 20.00
CA THR A 191 10.40 13.45 19.45
C THR A 191 11.62 13.61 18.57
N ILE A 192 11.37 13.99 17.32
CA ILE A 192 12.37 14.48 16.39
C ILE A 192 12.29 16.00 16.45
N TRP A 193 13.31 16.66 16.98
CA TRP A 193 13.32 18.12 17.02
C TRP A 193 13.91 18.70 15.74
N GLY A 194 13.23 19.73 15.21
CA GLY A 194 13.85 20.60 14.23
C GLY A 194 13.56 20.34 12.76
N ASN A 195 14.62 20.11 12.01
CA ASN A 195 14.57 20.02 10.56
C ASN A 195 14.49 18.57 10.11
N HIS A 196 13.63 18.30 9.11
CA HIS A 196 13.68 17.00 8.42
C HIS A 196 14.93 17.00 7.55
N SER A 197 16.08 16.71 8.20
CA SER A 197 17.38 16.68 7.53
C SER A 197 18.38 15.99 8.44
N ALA A 198 19.64 15.95 8.00
CA ALA A 198 20.72 15.33 8.77
C ALA A 198 21.02 16.04 10.08
N THR A 199 20.47 17.25 10.32
CA THR A 199 20.67 17.94 11.60
C THR A 199 19.55 17.67 12.60
N GLN A 200 18.52 16.91 12.21
CA GLN A 200 17.44 16.56 13.14
C GLN A 200 18.01 16.01 14.44
N TYR A 201 17.28 16.25 15.53
CA TYR A 201 17.67 15.76 16.84
C TYR A 201 16.66 14.72 17.32
N PRO A 202 16.95 13.43 17.17
CA PRO A 202 16.09 12.39 17.74
C PRO A 202 16.38 12.27 19.23
N ASP A 203 15.46 12.77 20.04
CA ASP A 203 15.65 13.01 21.49
C ASP A 203 15.47 11.69 22.25
N PHE A 204 16.57 10.98 22.49
CA PHE A 204 16.49 9.73 23.25
C PHE A 204 16.41 9.95 24.75
N TYR A 205 16.40 11.19 25.24
CA TYR A 205 16.22 11.38 26.68
C TYR A 205 14.75 11.43 27.06
N ASN A 206 13.93 12.15 26.28
CA ASN A 206 12.51 12.32 26.58
C ASN A 206 11.63 11.21 25.99
N ALA A 207 12.08 10.53 24.94
CA ALA A 207 11.45 9.28 24.57
C ALA A 207 11.45 8.31 25.74
N LYS A 208 10.46 7.42 25.75
CA LYS A 208 10.26 6.49 26.86
C LYS A 208 10.32 5.05 26.35
N ILE A 209 10.88 4.17 27.16
CA ILE A 209 10.75 2.73 26.97
C ILE A 209 10.14 2.17 28.24
N ASN A 210 8.94 1.59 28.12
CA ASN A 210 8.15 1.17 29.29
C ASN A 210 8.01 2.32 30.28
N GLY A 211 7.71 3.51 29.75
CA GLY A 211 7.45 4.68 30.58
C GLY A 211 8.68 5.31 31.22
N THR A 212 9.87 4.83 30.91
CA THR A 212 11.11 5.31 31.50
C THR A 212 12.00 5.88 30.40
N SER A 213 12.74 6.94 30.71
CA SER A 213 13.62 7.59 29.74
C SER A 213 14.43 6.56 28.97
N ALA A 214 14.33 6.59 27.63
CA ALA A 214 15.04 5.58 26.83
C ALA A 214 16.53 5.56 27.14
N ALA A 215 17.13 6.74 27.40
CA ALA A 215 18.55 6.78 27.70
C ALA A 215 18.86 5.95 28.91
N GLN A 216 18.00 6.03 29.92
CA GLN A 216 18.21 5.31 31.17
C GLN A 216 17.97 3.82 30.98
N VAL A 217 17.01 3.44 30.12
CA VAL A 217 16.76 2.02 29.92
C VAL A 217 17.90 1.38 29.13
N ILE A 218 18.36 2.06 28.08
CA ILE A 218 19.36 1.48 27.19
C ILE A 218 20.74 1.52 27.82
N ASN A 219 21.04 2.57 28.57
CA ASN A 219 22.24 2.65 29.39
C ASN A 219 23.50 2.40 28.56
N ASP A 220 23.62 3.15 27.46
CA ASP A 220 24.75 2.99 26.54
C ASP A 220 24.90 4.37 25.90
N GLU A 221 25.51 5.29 26.65
CA GLU A 221 25.61 6.68 26.20
C GLU A 221 26.33 6.75 24.86
N THR A 222 27.40 5.99 24.72
CA THR A 222 28.15 5.94 23.47
C THR A 222 27.27 5.52 22.31
N TRP A 223 26.50 4.43 22.49
CA TRP A 223 25.69 3.94 21.39
C TRP A 223 24.63 4.97 21.00
N LEU A 224 23.97 5.56 22.00
CA LEU A 224 22.90 6.52 21.75
C LEU A 224 23.43 7.76 21.03
N LYS A 225 24.54 8.33 21.49
CA LYS A 225 25.04 9.54 20.85
C LYS A 225 25.76 9.26 19.53
N GLU A 226 26.44 8.13 19.38
CA GLU A 226 27.30 7.93 18.21
C GLU A 226 26.72 7.00 17.15
N THR A 227 25.82 6.09 17.51
CA THR A 227 25.19 5.17 16.55
C THR A 227 23.73 5.48 16.32
N PHE A 228 22.94 5.65 17.38
CA PHE A 228 21.49 5.82 17.24
C PHE A 228 21.15 7.10 16.48
N VAL A 229 21.78 8.22 16.86
CA VAL A 229 21.44 9.49 16.24
C VAL A 229 21.83 9.48 14.77
N SER A 230 23.05 9.03 14.46
CA SER A 230 23.47 9.01 13.07
C SER A 230 22.70 7.98 12.27
N THR A 231 22.39 6.84 12.88
CA THR A 231 21.60 5.84 12.17
C THR A 231 20.26 6.41 11.71
N VAL A 232 19.60 7.16 12.59
CA VAL A 232 18.31 7.75 12.22
C VAL A 232 18.49 8.82 11.15
N GLN A 233 19.47 9.72 11.36
CA GLN A 233 19.72 10.79 10.39
C GLN A 233 20.06 10.24 9.00
N GLN A 234 20.73 9.08 8.93
CA GLN A 234 21.22 8.54 7.66
C GLN A 234 20.37 7.39 7.13
N ARG A 235 19.21 7.12 7.74
CA ARG A 235 18.49 5.89 7.44
C ARG A 235 17.94 5.91 6.01
N GLY A 236 17.45 7.07 5.54
CA GLY A 236 16.99 7.15 4.16
C GLY A 236 18.05 6.74 3.15
N ALA A 237 19.27 7.22 3.35
CA ALA A 237 20.37 6.85 2.45
C ALA A 237 20.68 5.37 2.55
N ALA A 238 20.49 4.78 3.73
CA ALA A 238 20.79 3.36 3.89
C ALA A 238 19.75 2.49 3.18
N VAL A 239 18.49 2.94 3.13
CA VAL A 239 17.47 2.16 2.44
C VAL A 239 17.70 2.20 0.94
N ILE A 240 18.01 3.38 0.40
CA ILE A 240 18.37 3.52 -1.02
C ILE A 240 19.50 2.56 -1.38
N LYS A 241 20.55 2.52 -0.55
CA LYS A 241 21.68 1.67 -0.86
C LYS A 241 21.28 0.20 -0.87
N ALA A 242 20.46 -0.22 0.10
CA ALA A 242 20.04 -1.62 0.15
C ALA A 242 19.03 -1.94 -0.95
N ARG A 243 17.90 -1.23 -0.96
CA ARG A 243 16.80 -1.64 -1.82
C ARG A 243 17.04 -1.30 -3.28
N GLY A 244 17.83 -0.26 -3.58
CA GLY A 244 18.08 0.15 -4.94
C GLY A 244 17.15 1.22 -5.48
N SER A 245 16.27 1.76 -4.64
CA SER A 245 15.50 2.95 -4.97
C SER A 245 14.98 3.53 -3.65
N SER A 246 14.19 4.60 -3.76
CA SER A 246 13.78 5.37 -2.60
C SER A 246 12.91 4.52 -1.65
N SER A 247 12.81 5.01 -0.42
CA SER A 247 12.01 4.35 0.61
C SER A 247 10.53 4.76 0.51
N ALA A 248 9.91 4.40 -0.61
CA ALA A 248 8.58 4.94 -0.92
C ALA A 248 7.50 4.37 -0.01
N ALA A 249 7.49 3.06 0.21
CA ALA A 249 6.40 2.46 1.00
C ALA A 249 6.43 2.92 2.45
N SER A 250 7.63 3.00 3.05
CA SER A 250 7.69 3.51 4.43
C SER A 250 7.41 5.01 4.50
N ALA A 251 7.78 5.77 3.47
CA ALA A 251 7.36 7.18 3.43
C ALA A 251 5.84 7.28 3.37
N ALA A 252 5.21 6.47 2.52
CA ALA A 252 3.77 6.52 2.42
C ALA A 252 3.13 6.14 3.73
N ASN A 253 3.66 5.11 4.39
CA ASN A 253 3.18 4.77 5.73
C ASN A 253 3.28 5.97 6.66
N ALA A 254 4.39 6.70 6.59
CA ALA A 254 4.57 7.82 7.52
C ALA A 254 3.58 8.94 7.22
N ILE A 255 3.22 9.13 5.96
CA ILE A 255 2.19 10.11 5.62
C ILE A 255 0.85 9.69 6.21
N ILE A 256 0.46 8.43 5.99
CA ILE A 256 -0.77 7.90 6.57
CA ILE A 256 -0.77 7.92 6.56
C ILE A 256 -0.79 8.13 8.07
N THR A 257 0.32 7.78 8.74
CA THR A 257 0.40 7.88 10.19
C THR A 257 0.36 9.33 10.67
N GLY A 258 1.11 10.22 10.01
CA GLY A 258 1.14 11.62 10.47
C GLY A 258 -0.18 12.35 10.25
N VAL A 259 -0.80 12.19 9.08
CA VAL A 259 -2.13 12.78 8.91
C VAL A 259 -3.12 12.18 9.89
N ASN A 260 -3.07 10.86 10.09
CA ASN A 260 -3.93 10.25 11.09
C ASN A 260 -3.72 10.86 12.47
N HIS A 261 -2.47 11.19 12.84
CA HIS A 261 -2.20 11.84 14.11
C HIS A 261 -2.89 13.20 14.22
N LEU A 262 -3.08 13.87 13.10
CA LEU A 262 -3.70 15.19 13.11
C LEU A 262 -5.21 15.15 13.13
N VAL A 263 -5.82 14.00 12.88
CA VAL A 263 -7.27 13.90 12.82
C VAL A 263 -7.85 12.95 13.87
N THR A 264 -7.03 12.40 14.75
CA THR A 264 -7.51 11.55 15.84
C THR A 264 -6.78 11.95 17.12
N ASP A 265 -7.49 11.85 18.25
CA ASP A 265 -6.91 12.27 19.53
C ASP A 265 -5.84 11.29 19.99
N THR A 266 -4.79 11.83 20.60
CA THR A 266 -3.62 11.02 20.94
C THR A 266 -3.91 10.18 22.18
N PRO A 267 -3.69 8.86 22.14
CA PRO A 267 -3.86 8.05 23.35
C PRO A 267 -3.05 8.61 24.52
N ALA A 268 -3.56 8.41 25.73
CA ALA A 268 -2.82 8.83 26.92
C ALA A 268 -1.42 8.23 26.90
N GLY A 269 -0.43 8.99 27.36
CA GLY A 269 0.94 8.50 27.42
C GLY A 269 1.77 8.69 26.17
N GLU A 270 1.16 9.01 25.03
CA GLU A 270 1.89 9.15 23.77
C GLU A 270 2.01 10.61 23.35
N SER A 271 2.85 10.82 22.33
CA SER A 271 2.95 12.08 21.61
C SER A 271 3.61 11.78 20.28
N PHE A 272 3.58 12.75 19.38
CA PHE A 272 4.14 12.55 18.05
C PHE A 272 4.87 13.80 17.58
N SER A 273 5.80 13.58 16.65
CA SER A 273 6.59 14.66 16.07
C SER A 273 5.83 15.28 14.91
N MET A 274 5.84 16.60 14.84
CA MET A 274 5.20 17.24 13.69
C MET A 274 5.85 18.60 13.45
N CYS A 275 6.21 18.89 12.20
CA CYS A 275 6.63 20.24 11.86
C CYS A 275 5.40 21.15 11.75
N ARG A 276 5.53 22.34 12.29
CA ARG A 276 4.42 23.29 12.32
C ARG A 276 5.01 24.67 12.47
N ARG A 277 4.18 25.68 12.27
CA ARG A 277 4.68 27.03 12.47
C ARG A 277 4.89 27.32 13.95
N SER A 278 6.12 27.72 14.28
CA SER A 278 6.46 28.00 15.66
C SER A 278 5.77 29.28 16.13
N LYS A 279 5.15 29.21 17.31
CA LYS A 279 4.67 30.39 18.01
C LYS A 279 5.72 30.93 18.98
N GLY A 280 6.93 30.39 18.94
CA GLY A 280 7.97 30.76 19.88
C GLY A 280 8.26 29.71 20.93
N GLU A 281 7.62 28.55 20.87
CA GLU A 281 7.89 27.51 21.85
C GLU A 281 9.34 27.09 21.79
N TYR A 282 9.94 26.82 22.96
CA TYR A 282 11.30 26.32 23.08
C TYR A 282 12.32 27.28 22.46
N GLY A 283 12.00 28.57 22.41
CA GLY A 283 12.90 29.54 21.82
C GLY A 283 13.02 29.50 20.31
N VAL A 284 12.16 28.75 19.63
CA VAL A 284 12.22 28.65 18.17
C VAL A 284 11.63 29.92 17.56
N ASP A 285 12.45 30.63 16.76
CA ASP A 285 12.03 31.85 16.09
C ASP A 285 10.60 31.73 15.59
N GLU A 286 9.76 32.66 16.02
CA GLU A 286 8.36 32.65 15.61
C GLU A 286 8.28 32.61 14.08
N GLY A 287 7.43 31.73 13.55
CA GLY A 287 7.21 31.66 12.12
C GLY A 287 8.04 30.63 11.39
N LEU A 288 9.08 30.09 12.00
CA LEU A 288 9.80 28.98 11.38
C LEU A 288 8.93 27.72 11.39
N ILE A 289 9.08 26.90 10.34
CA ILE A 289 8.51 25.56 10.33
C ILE A 289 9.51 24.61 10.99
N PHE A 290 9.10 24.01 12.10
CA PHE A 290 10.03 23.35 13.01
C PHE A 290 9.30 22.15 13.63
N SER A 291 10.01 21.02 13.74
CA SER A 291 9.40 19.81 14.29
C SER A 291 9.39 19.87 15.82
N PHE A 292 8.21 19.72 16.41
CA PHE A 292 7.97 19.81 17.84
C PHE A 292 7.29 18.53 18.29
N PRO A 293 7.36 18.21 19.60
CA PRO A 293 6.46 17.19 20.16
C PRO A 293 5.04 17.72 20.29
N CYS A 294 4.07 16.93 19.84
CA CYS A 294 2.67 17.34 19.85
C CYS A 294 1.76 16.24 20.38
N ARG A 295 0.58 16.67 20.81
CA ARG A 295 -0.56 15.80 21.12
C ARG A 295 -1.79 16.45 20.53
N ARG A 296 -2.75 15.63 20.11
CA ARG A 296 -4.05 16.14 19.72
C ARG A 296 -5.02 15.81 20.86
N GLU A 297 -5.57 16.84 21.48
CA GLU A 297 -6.43 16.67 22.65
C GLU A 297 -7.75 17.41 22.41
N HIS A 298 -8.86 16.69 22.58
CA HIS A 298 -10.19 17.22 22.32
C HIS A 298 -10.25 17.89 20.95
N GLY A 299 -9.56 17.29 19.98
CA GLY A 299 -9.61 17.80 18.63
C GLY A 299 -8.77 19.04 18.37
N GLU A 300 -7.93 19.46 19.31
CA GLU A 300 -7.02 20.57 19.10
C GLU A 300 -5.58 20.07 19.17
N LEU A 301 -4.73 20.59 18.27
CA LEU A 301 -3.31 20.28 18.32
C LEU A 301 -2.62 21.18 19.35
N LYS A 302 -1.86 20.57 20.25
CA LYS A 302 -1.08 21.29 21.26
C LYS A 302 0.37 20.85 21.18
N VAL A 303 1.28 21.80 21.40
CA VAL A 303 2.69 21.46 21.58
C VAL A 303 2.90 20.99 23.01
N VAL A 304 3.62 19.88 23.18
CA VAL A 304 3.98 19.43 24.52
C VAL A 304 5.00 20.40 25.07
N GLU A 305 4.65 21.05 26.17
CA GLU A 305 5.52 22.04 26.79
C GLU A 305 6.32 21.37 27.90
N ASN A 306 7.34 22.08 28.38
CA ASN A 306 8.08 21.73 29.59
C ASN A 306 8.94 20.47 29.44
N LEU A 307 9.27 20.06 28.22
CA LEU A 307 10.32 19.07 28.07
C LEU A 307 11.67 19.72 28.29
N GLU A 308 12.59 18.97 28.89
CA GLU A 308 13.90 19.51 29.29
C GLU A 308 15.02 18.93 28.43
N PHE A 309 16.13 19.67 28.37
CA PHE A 309 17.32 19.29 27.62
C PHE A 309 18.53 19.27 28.54
N ASN A 310 19.54 18.52 28.17
CA ASN A 310 20.86 18.72 28.77
C ASN A 310 21.69 19.54 27.79
N ASP A 311 22.98 19.67 28.11
CA ASP A 311 23.85 20.47 27.25
C ASP A 311 23.98 19.83 25.89
N PHE A 312 24.18 18.51 25.86
CA PHE A 312 24.22 17.78 24.60
C PHE A 312 23.00 18.11 23.74
N GLY A 313 21.81 18.04 24.34
CA GLY A 313 20.58 18.28 23.57
C GLY A 313 20.44 19.72 23.11
N ARG A 314 20.76 20.69 23.97
CA ARG A 314 20.72 22.10 23.57
C ARG A 314 21.64 22.34 22.38
N GLU A 315 22.78 21.65 22.35
CA GLU A 315 23.71 21.77 21.23
C GLU A 315 23.08 21.27 19.94
N ARG A 316 22.51 20.06 19.98
CA ARG A 316 21.89 19.50 18.77
C ARG A 316 20.68 20.33 18.37
N PHE A 317 19.90 20.81 19.36
CA PHE A 317 18.76 21.68 19.11
C PHE A 317 19.18 22.96 18.39
N ASN A 318 20.18 23.65 18.91
CA ASN A 318 20.61 24.89 18.28
C ASN A 318 21.22 24.64 16.89
N THR A 319 21.91 23.51 16.69
CA THR A 319 22.43 23.23 15.36
C THR A 319 21.29 23.12 14.34
N THR A 320 20.21 22.43 14.69
CA THR A 320 19.15 22.28 13.70
C THR A 320 18.32 23.57 13.56
N LEU A 321 18.10 24.30 14.65
CA LEU A 321 17.47 25.61 14.56
C LEU A 321 18.27 26.56 13.65
N ASN A 322 19.60 26.58 13.80
CA ASN A 322 20.40 27.45 12.95
C ASN A 322 20.36 27.03 11.49
N GLU A 323 20.24 25.73 11.20
CA GLU A 323 20.08 25.32 9.81
C GLU A 323 18.77 25.85 9.22
N LEU A 324 17.70 25.79 10.02
CA LEU A 324 16.41 26.26 9.53
C LEU A 324 16.41 27.78 9.35
N ARG A 325 17.09 28.50 10.24
CA ARG A 325 17.27 29.94 10.08
C ARG A 325 18.03 30.25 8.79
N SER A 326 19.11 29.51 8.52
CA SER A 326 19.89 29.73 7.32
CA SER A 326 19.89 29.75 7.32
C SER A 326 19.07 29.48 6.06
N GLU A 327 18.26 28.42 6.06
CA GLU A 327 17.43 28.15 4.90
C GLU A 327 16.41 29.27 4.69
N ARG A 328 15.76 29.71 5.77
CA ARG A 328 14.82 30.83 5.68
C ARG A 328 15.51 32.07 5.12
N ASP A 329 16.69 32.40 5.66
CA ASP A 329 17.39 33.61 5.21
C ASP A 329 17.77 33.50 3.74
N THR A 330 18.12 32.29 3.30
CA THR A 330 18.50 32.06 1.90
C THR A 330 17.31 32.24 0.97
N VAL A 331 16.17 31.64 1.29
CA VAL A 331 15.04 31.78 0.37
C VAL A 331 14.46 33.19 0.46
N LYS A 332 14.58 33.85 1.62
CA LYS A 332 14.24 35.27 1.68
C LYS A 332 15.10 36.07 0.73
N SER A 333 16.40 35.75 0.71
CA SER A 333 17.35 36.46 -0.15
C SER A 333 17.04 36.25 -1.62
N LEU A 334 16.47 35.11 -1.99
CA LEU A 334 16.06 34.82 -3.36
C LEU A 334 14.72 35.44 -3.71
N GLY A 335 14.12 36.21 -2.82
CA GLY A 335 12.83 36.81 -3.08
C GLY A 335 11.66 35.85 -3.09
N LEU A 336 11.79 34.70 -2.41
CA LEU A 336 10.72 33.70 -2.36
C LEU A 336 9.71 33.95 -1.25
N LEU A 337 9.97 34.88 -0.35
CA LEU A 337 9.02 35.20 0.71
C LEU A 337 8.43 36.59 0.44
N ASP A 338 7.71 36.72 -0.67
CA ASP A 338 7.24 38.01 -1.21
C ASP A 338 8.39 38.89 -1.68
N ASN B 12 -3.70 -16.10 17.80
CA ASN B 12 -3.87 -14.76 17.24
C ASN B 12 -2.59 -14.27 16.59
N ARG B 13 -1.82 -15.21 16.03
CA ARG B 13 -0.63 -14.90 15.26
C ARG B 13 -0.58 -15.80 14.04
N VAL B 14 -0.39 -15.21 12.88
CA VAL B 14 -0.31 -15.93 11.62
C VAL B 14 1.09 -15.73 11.05
N ARG B 15 1.68 -16.81 10.58
CA ARG B 15 2.96 -16.76 9.87
C ARG B 15 2.67 -16.96 8.39
N VAL B 16 3.13 -16.01 7.55
CA VAL B 16 2.78 -15.94 6.14
C VAL B 16 4.06 -15.97 5.31
N ALA B 17 4.15 -16.90 4.37
CA ALA B 17 5.21 -16.82 3.38
C ALA B 17 4.74 -15.98 2.20
N VAL B 18 5.61 -15.10 1.72
CA VAL B 18 5.38 -14.36 0.47
C VAL B 18 6.56 -14.63 -0.44
N THR B 19 6.31 -15.31 -1.57
CA THR B 19 7.38 -15.45 -2.54
C THR B 19 7.43 -14.23 -3.47
N GLY B 20 8.55 -14.09 -4.19
CA GLY B 20 8.73 -12.93 -5.06
C GLY B 20 8.64 -11.62 -4.28
N ALA B 21 9.09 -11.64 -3.01
CA ALA B 21 8.70 -10.59 -2.07
C ALA B 21 9.32 -9.24 -2.35
N ALA B 22 10.39 -9.18 -3.14
CA ALA B 22 10.98 -7.89 -3.51
C ALA B 22 10.40 -7.34 -4.81
N GLY B 23 9.55 -8.10 -5.50
CA GLY B 23 8.96 -7.61 -6.72
C GLY B 23 7.93 -6.55 -6.41
N GLN B 24 7.35 -6.00 -7.49
CA GLN B 24 6.45 -4.86 -7.35
C GLN B 24 5.17 -5.25 -6.62
N ILE B 25 4.64 -6.46 -6.88
CA ILE B 25 3.44 -6.88 -6.15
C ILE B 25 3.76 -7.08 -4.68
N GLY B 26 4.86 -7.78 -4.40
CA GLY B 26 5.23 -7.98 -3.02
C GLY B 26 5.48 -6.68 -2.30
N TYR B 27 6.11 -5.72 -2.98
CA TYR B 27 6.41 -4.43 -2.34
C TYR B 27 5.13 -3.67 -2.00
N ALA B 28 4.11 -3.74 -2.88
CA ALA B 28 2.83 -3.14 -2.57
C ALA B 28 2.01 -3.98 -1.59
N LEU B 29 2.37 -5.24 -1.39
CA LEU B 29 1.54 -6.12 -0.59
C LEU B 29 1.97 -6.17 0.88
N VAL B 30 3.28 -6.27 1.18
CA VAL B 30 3.64 -6.66 2.54
C VAL B 30 3.30 -5.57 3.57
N PHE B 31 3.28 -4.30 3.17
CA PHE B 31 3.01 -3.25 4.16
C PHE B 31 1.54 -3.27 4.56
N ARG B 32 0.65 -3.53 3.61
CA ARG B 32 -0.77 -3.64 3.94
C ARG B 32 -1.05 -4.88 4.78
N ILE B 33 -0.35 -6.00 4.52
CA ILE B 33 -0.47 -7.14 5.43
C ILE B 33 -0.02 -6.75 6.83
N ALA B 34 1.16 -6.15 6.94
CA ALA B 34 1.69 -5.78 8.24
C ALA B 34 0.78 -4.80 8.97
N SER B 35 0.04 -3.96 8.24
CA SER B 35 -0.85 -3.01 8.90
C SER B 35 -2.11 -3.65 9.45
N GLY B 36 -2.36 -4.92 9.18
CA GLY B 36 -3.49 -5.64 9.72
C GLY B 36 -4.64 -5.85 8.76
N GLN B 37 -4.50 -5.49 7.49
CA GLN B 37 -5.64 -5.51 6.59
C GLN B 37 -5.94 -6.90 6.05
N MET B 38 -4.97 -7.81 6.06
CA MET B 38 -5.27 -9.13 5.53
C MET B 38 -6.02 -9.97 6.56
N PHE B 39 -5.48 -10.10 7.78
CA PHE B 39 -6.03 -10.98 8.79
C PHE B 39 -6.78 -10.26 9.91
N GLY B 40 -6.84 -8.94 9.91
CA GLY B 40 -7.60 -8.23 10.92
C GLY B 40 -6.77 -7.46 11.94
N PRO B 41 -7.42 -6.52 12.66
CA PRO B 41 -6.68 -5.59 13.52
C PRO B 41 -6.09 -6.23 14.75
N ASN B 42 -6.54 -7.43 15.11
CA ASN B 42 -6.10 -8.06 16.35
C ASN B 42 -5.26 -9.30 16.08
N THR B 43 -4.74 -9.44 14.87
CA THR B 43 -4.03 -10.64 14.47
C THR B 43 -2.58 -10.29 14.15
N GLU B 44 -1.67 -10.74 15.01
CA GLU B 44 -0.25 -10.52 14.77
C GLU B 44 0.25 -11.36 13.61
N VAL B 45 1.29 -10.86 12.96
CA VAL B 45 1.76 -11.40 11.70
C VAL B 45 3.27 -11.62 11.78
N GLU B 46 3.72 -12.75 11.26
CA GLU B 46 5.13 -13.01 11.00
C GLU B 46 5.29 -13.17 9.49
N LEU B 47 6.14 -12.35 8.89
CA LEU B 47 6.36 -12.36 7.46
C LEU B 47 7.62 -13.14 7.13
N ASN B 48 7.46 -14.25 6.37
CA ASN B 48 8.57 -14.99 5.79
C ASN B 48 8.68 -14.60 4.33
N LEU B 49 9.71 -13.85 3.97
CA LEU B 49 9.85 -13.28 2.63
C LEU B 49 10.89 -14.06 1.84
N LEU B 50 10.50 -14.59 0.68
CA LEU B 50 11.37 -15.38 -0.18
C LEU B 50 11.71 -14.62 -1.46
N GLU B 51 12.97 -14.70 -1.87
CA GLU B 51 13.42 -14.16 -3.14
C GLU B 51 14.46 -15.10 -3.77
N LEU B 52 14.77 -14.83 -5.02
CA LEU B 52 15.93 -15.43 -5.64
C LEU B 52 17.20 -14.78 -5.07
N GLU B 53 18.28 -15.54 -5.07
CA GLU B 53 19.53 -15.08 -4.48
C GLU B 53 19.96 -13.69 -4.95
N PRO B 54 19.94 -13.35 -6.24
CA PRO B 54 20.36 -12.00 -6.64
C PRO B 54 19.51 -10.90 -6.04
N ALA B 55 18.26 -11.20 -5.69
CA ALA B 55 17.37 -10.17 -5.18
C ALA B 55 17.40 -10.06 -3.66
N LEU B 56 18.16 -10.91 -2.97
CA LEU B 56 18.21 -10.83 -1.51
C LEU B 56 18.63 -9.45 -1.00
N PRO B 57 19.70 -8.81 -1.50
CA PRO B 57 20.03 -7.48 -0.97
C PRO B 57 18.86 -6.51 -1.06
N SER B 58 18.13 -6.51 -2.18
CA SER B 58 16.99 -5.61 -2.29
C SER B 58 15.89 -5.96 -1.28
N LEU B 59 15.73 -7.25 -1.00
CA LEU B 59 14.75 -7.69 -0.01
C LEU B 59 15.10 -7.22 1.40
N GLU B 60 16.40 -7.22 1.76
CA GLU B 60 16.78 -6.62 3.05
C GLU B 60 16.37 -5.16 3.14
N GLY B 61 16.40 -4.42 2.02
CA GLY B 61 15.91 -3.05 2.03
C GLY B 61 14.42 -2.97 2.27
N VAL B 62 13.65 -3.90 1.70
CA VAL B 62 12.22 -3.96 1.99
C VAL B 62 11.99 -4.21 3.48
N ALA B 63 12.79 -5.09 4.08
CA ALA B 63 12.63 -5.36 5.50
C ALA B 63 12.99 -4.15 6.34
N MET B 64 14.02 -3.39 5.93
CA MET B 64 14.32 -2.17 6.64
C MET B 64 13.11 -1.23 6.62
N GLU B 65 12.46 -1.13 5.46
CA GLU B 65 11.28 -0.27 5.34
C GLU B 65 10.11 -0.78 6.19
N LEU B 66 9.91 -2.10 6.25
CA LEU B 66 8.88 -2.64 7.14
C LEU B 66 9.16 -2.22 8.58
N ASP B 67 10.41 -2.38 9.01
CA ASP B 67 10.80 -1.99 10.36
C ASP B 67 10.53 -0.51 10.61
N ASP B 68 10.82 0.33 9.62
CA ASP B 68 10.64 1.78 9.74
C ASP B 68 9.18 2.20 9.69
N CYS B 69 8.26 1.23 9.59
CA CYS B 69 6.85 1.53 9.73
C CYS B 69 6.34 1.41 11.14
N ALA B 70 7.14 0.80 12.05
CA ALA B 70 6.76 0.64 13.45
C ALA B 70 5.35 0.02 13.60
N PHE B 71 5.12 -1.03 12.82
CA PHE B 71 3.84 -1.77 12.85
C PHE B 71 3.68 -2.56 14.14
N PRO B 72 2.67 -2.29 14.97
CA PRO B 72 2.50 -3.07 16.22
C PRO B 72 2.23 -4.54 15.99
N LEU B 73 1.61 -4.89 14.87
CA LEU B 73 1.22 -6.27 14.64
C LEU B 73 2.32 -7.12 14.05
N LEU B 74 3.34 -6.51 13.45
CA LEU B 74 4.40 -7.24 12.75
C LEU B 74 5.40 -7.75 13.77
N LYS B 75 5.36 -9.06 14.03
CA LYS B 75 6.18 -9.60 15.11
C LYS B 75 7.50 -10.23 14.68
N ARG B 76 7.68 -10.54 13.39
CA ARG B 76 8.92 -11.15 12.95
C ARG B 76 9.04 -11.00 11.44
N ILE B 77 10.27 -10.77 10.96
CA ILE B 77 10.56 -10.74 9.54
C ILE B 77 11.69 -11.71 9.27
N VAL B 78 11.50 -12.60 8.29
CA VAL B 78 12.55 -13.49 7.81
C VAL B 78 12.78 -13.17 6.34
N CYS B 79 14.05 -12.99 5.95
CA CYS B 79 14.42 -12.79 4.55
C CYS B 79 15.32 -13.92 4.13
N THR B 80 14.96 -14.61 3.05
CA THR B 80 15.75 -15.76 2.66
C THR B 80 15.57 -16.07 1.17
N ALA B 81 16.55 -16.79 0.63
CA ALA B 81 16.40 -17.45 -0.66
C ALA B 81 16.23 -18.95 -0.53
N ASP B 82 16.22 -19.46 0.71
CA ASP B 82 16.05 -20.88 1.02
C ASP B 82 14.55 -21.17 1.07
N LEU B 83 14.04 -21.88 0.08
CA LEU B 83 12.60 -22.18 0.01
C LEU B 83 12.11 -22.90 1.25
N ASN B 84 12.88 -23.87 1.75
CA ASN B 84 12.42 -24.62 2.92
C ASN B 84 12.34 -23.73 4.16
N LYS B 85 13.35 -22.88 4.37
CA LYS B 85 13.30 -21.92 5.46
C LYS B 85 12.08 -21.01 5.33
N ALA B 86 11.77 -20.58 4.12
CA ALA B 86 10.64 -19.68 3.91
C ALA B 86 9.33 -20.33 4.33
N MET B 87 9.16 -21.61 4.04
CA MET B 87 7.91 -22.31 4.31
C MET B 87 7.83 -22.88 5.72
N ASP B 88 8.89 -22.77 6.52
CA ASP B 88 8.94 -23.48 7.79
C ASP B 88 7.88 -22.98 8.76
N GLY B 89 6.88 -23.82 9.05
CA GLY B 89 5.82 -23.47 9.99
C GLY B 89 4.84 -22.41 9.51
N VAL B 90 4.81 -22.08 8.23
CA VAL B 90 3.89 -21.04 7.81
C VAL B 90 2.47 -21.58 7.81
N ASN B 91 1.51 -20.67 8.07
CA ASN B 91 0.08 -20.95 8.08
C ASN B 91 -0.60 -20.54 6.78
N TRP B 92 -0.02 -19.58 6.07
CA TRP B 92 -0.43 -19.18 4.73
C TRP B 92 0.80 -19.10 3.85
N ALA B 93 0.68 -19.54 2.62
CA ALA B 93 1.75 -19.42 1.63
C ALA B 93 1.21 -18.66 0.44
N LEU B 94 1.67 -17.42 0.27
CA LEU B 94 1.14 -16.52 -0.77
C LEU B 94 2.12 -16.67 -1.92
N LEU B 95 1.74 -17.45 -2.92
CA LEU B 95 2.67 -17.84 -3.98
C LEU B 95 2.54 -16.81 -5.10
N VAL B 96 3.28 -15.71 -4.92
CA VAL B 96 3.22 -14.58 -5.82
C VAL B 96 4.27 -14.67 -6.91
N GLY B 97 5.47 -15.09 -6.53
CA GLY B 97 6.58 -15.07 -7.46
C GLY B 97 6.36 -16.04 -8.60
N SER B 98 6.85 -15.65 -9.78
CA SER B 98 6.76 -16.48 -10.97
C SER B 98 7.62 -15.85 -12.05
N VAL B 99 7.84 -16.60 -13.13
CA VAL B 99 8.54 -16.08 -14.30
C VAL B 99 7.51 -15.46 -15.23
N PRO B 100 7.66 -14.22 -15.64
CA PRO B 100 6.67 -13.59 -16.51
C PRO B 100 6.90 -13.97 -17.96
N ARG B 101 5.86 -13.84 -18.77
CA ARG B 101 6.01 -14.00 -20.20
C ARG B 101 6.94 -12.92 -20.74
N LYS B 102 7.98 -13.34 -21.45
CA LYS B 102 8.91 -12.42 -22.08
C LYS B 102 8.96 -12.73 -23.58
N GLN B 103 9.77 -11.96 -24.30
CA GLN B 103 9.84 -12.05 -25.76
C GLN B 103 10.18 -13.46 -26.21
N GLY B 104 9.36 -14.01 -27.10
CA GLY B 104 9.60 -15.33 -27.67
C GLY B 104 8.93 -16.48 -26.96
N MET B 105 8.35 -16.26 -25.78
CA MET B 105 7.74 -17.33 -25.00
C MET B 105 6.33 -17.65 -25.49
N GLU B 106 6.02 -18.95 -25.57
CA GLU B 106 4.66 -19.42 -25.83
C GLU B 106 3.98 -19.79 -24.51
N ARG B 107 2.67 -20.02 -24.59
CA ARG B 107 1.91 -20.47 -23.43
C ARG B 107 2.52 -21.74 -22.85
N SER B 108 2.96 -22.65 -23.73
CA SER B 108 3.62 -23.87 -23.27
C SER B 108 4.84 -23.56 -22.41
N ASP B 109 5.66 -22.60 -22.85
CA ASP B 109 6.88 -22.27 -22.12
C ASP B 109 6.56 -21.67 -20.76
N LEU B 110 5.54 -20.81 -20.71
CA LEU B 110 5.12 -20.24 -19.44
C LEU B 110 4.63 -21.32 -18.48
N LEU B 111 3.82 -22.26 -18.97
CA LEU B 111 3.37 -23.39 -18.18
C LEU B 111 4.55 -24.24 -17.71
N GLN B 112 5.51 -24.48 -18.61
CA GLN B 112 6.64 -25.34 -18.27
C GLN B 112 7.54 -24.69 -17.23
N ILE B 113 7.96 -23.45 -17.47
CA ILE B 113 8.97 -22.84 -16.59
C ILE B 113 8.41 -22.67 -15.19
N ASN B 114 7.18 -22.19 -15.10
CA ASN B 114 6.57 -21.98 -13.81
C ASN B 114 6.13 -23.28 -13.16
N GLY B 115 5.82 -24.29 -13.99
CA GLY B 115 5.47 -25.59 -13.44
C GLY B 115 6.59 -26.18 -12.60
N GLY B 116 7.83 -26.06 -13.07
CA GLY B 116 8.94 -26.61 -12.32
C GLY B 116 9.12 -25.91 -10.99
N ILE B 117 8.88 -24.59 -10.98
CA ILE B 117 8.96 -23.82 -9.74
C ILE B 117 7.90 -24.31 -8.75
N PHE B 118 6.65 -24.46 -9.22
CA PHE B 118 5.59 -24.81 -8.29
C PHE B 118 5.61 -26.27 -7.85
N THR B 119 6.22 -27.17 -8.62
CA THR B 119 6.50 -28.49 -8.06
CA THR B 119 6.53 -28.50 -8.08
C THR B 119 7.33 -28.36 -6.79
N LYS B 120 8.41 -27.58 -6.83
CA LYS B 120 9.29 -27.45 -5.68
C LYS B 120 8.60 -26.71 -4.54
N GLN B 121 7.80 -25.70 -4.86
CA GLN B 121 7.09 -24.93 -3.84
C GLN B 121 6.04 -25.77 -3.15
N GLY B 122 5.26 -26.55 -3.91
CA GLY B 122 4.33 -27.49 -3.28
C GLY B 122 5.02 -28.48 -2.37
N GLN B 123 6.13 -29.07 -2.84
CA GLN B 123 6.83 -30.05 -2.02
C GLN B 123 7.39 -29.42 -0.75
N ALA B 124 7.87 -28.16 -0.84
CA ALA B 124 8.39 -27.51 0.37
C ALA B 124 7.28 -27.16 1.34
N ILE B 125 6.13 -26.71 0.83
CA ILE B 125 4.99 -26.52 1.72
C ILE B 125 4.62 -27.84 2.38
N ASN B 126 4.61 -28.92 1.59
CA ASN B 126 4.20 -30.21 2.13
C ASN B 126 5.09 -30.63 3.28
N ASP B 127 6.39 -30.37 3.18
CA ASP B 127 7.35 -30.95 4.13
C ASP B 127 7.73 -30.02 5.26
N TYR B 128 7.43 -28.71 5.15
CA TYR B 128 7.90 -27.73 6.14
C TYR B 128 6.78 -26.85 6.70
N ALA B 129 5.71 -26.61 5.94
CA ALA B 129 4.68 -25.69 6.42
C ALA B 129 3.90 -26.31 7.58
N SER B 130 3.14 -25.46 8.27
CA SER B 130 2.35 -25.91 9.41
C SER B 130 1.21 -26.83 8.95
N ASP B 131 0.71 -27.65 9.89
CA ASP B 131 -0.39 -28.56 9.59
C ASP B 131 -1.60 -27.85 8.98
N ASP B 132 -1.89 -26.62 9.42
CA ASP B 132 -3.08 -25.92 8.95
C ASP B 132 -2.84 -25.06 7.72
N VAL B 133 -1.75 -25.28 6.99
CA VAL B 133 -1.37 -24.33 5.94
C VAL B 133 -2.46 -24.21 4.87
N ARG B 134 -2.69 -22.98 4.41
CA ARG B 134 -3.48 -22.72 3.23
C ARG B 134 -2.60 -22.01 2.21
N VAL B 135 -2.85 -22.28 0.93
CA VAL B 135 -1.99 -21.85 -0.16
C VAL B 135 -2.81 -20.98 -1.11
N PHE B 136 -2.28 -19.83 -1.45
CA PHE B 136 -3.03 -18.84 -2.23
C PHE B 136 -2.13 -18.43 -3.39
N VAL B 137 -2.46 -18.91 -4.60
CA VAL B 137 -1.58 -18.80 -5.75
C VAL B 137 -1.96 -17.60 -6.61
N VAL B 138 -0.99 -16.73 -6.85
CA VAL B 138 -1.16 -15.52 -7.62
C VAL B 138 -0.36 -15.55 -8.91
N GLY B 139 0.87 -16.04 -8.87
CA GLY B 139 1.75 -15.95 -10.03
C GLY B 139 1.24 -16.80 -11.19
N ASN B 140 1.38 -16.25 -12.46
CA ASN B 140 0.70 -16.88 -13.58
C ASN B 140 1.54 -17.99 -14.22
N PRO B 141 0.87 -18.97 -14.86
CA PRO B 141 -0.60 -19.17 -14.94
C PRO B 141 -1.15 -19.72 -13.62
N CYS B 142 -1.95 -18.94 -12.91
CA CYS B 142 -2.12 -19.25 -11.48
C CYS B 142 -2.95 -20.49 -11.25
N ASN B 143 -4.00 -20.72 -12.07
CA ASN B 143 -4.81 -21.92 -11.87
C ASN B 143 -3.95 -23.17 -11.99
N THR B 144 -3.14 -23.24 -13.05
CA THR B 144 -2.40 -24.46 -13.29
C THR B 144 -1.17 -24.53 -12.39
N ASN B 145 -0.56 -23.39 -12.06
CA ASN B 145 0.52 -23.40 -11.07
C ASN B 145 0.00 -23.95 -9.75
N CYS B 146 -1.22 -23.55 -9.38
CA CYS B 146 -1.86 -24.08 -8.17
C CYS B 146 -2.10 -25.59 -8.28
N LEU B 147 -2.68 -26.04 -9.41
CA LEU B 147 -2.87 -27.48 -9.60
C LEU B 147 -1.57 -28.25 -9.38
N ILE B 148 -0.47 -27.72 -9.91
CA ILE B 148 0.82 -28.42 -9.86
C ILE B 148 1.34 -28.47 -8.43
N ALA B 149 1.24 -27.34 -7.72
CA ALA B 149 1.69 -27.30 -6.33
C ALA B 149 0.86 -28.28 -5.49
N MET B 150 -0.46 -28.26 -5.68
CA MET B 150 -1.37 -29.13 -4.94
C MET B 150 -1.02 -30.59 -5.17
N ASN B 151 -0.69 -30.94 -6.43
CA ASN B 151 -0.37 -32.32 -6.75
C ASN B 151 0.97 -32.76 -6.18
N HIS B 152 1.83 -31.82 -5.77
CA HIS B 152 3.11 -32.15 -5.17
C HIS B 152 3.11 -31.96 -3.66
N ALA B 153 1.92 -31.84 -3.06
CA ALA B 153 1.78 -31.72 -1.60
C ALA B 153 0.80 -32.80 -1.12
N LYS B 154 1.26 -34.06 -1.21
CA LYS B 154 0.40 -35.21 -0.92
C LYS B 154 -0.21 -35.16 0.47
N ASP B 155 0.49 -34.59 1.45
CA ASP B 155 0.04 -34.61 2.84
C ASP B 155 -0.86 -33.43 3.19
N VAL B 156 -1.01 -32.46 2.30
CA VAL B 156 -1.85 -31.30 2.53
C VAL B 156 -3.21 -31.55 1.86
N PRO B 157 -4.33 -31.38 2.58
CA PRO B 157 -5.64 -31.62 1.96
C PRO B 157 -5.83 -30.74 0.75
N SER B 158 -6.48 -31.29 -0.28
CA SER B 158 -6.65 -30.56 -1.52
C SER B 158 -7.50 -29.31 -1.35
N ASP B 159 -8.37 -29.27 -0.34
CA ASP B 159 -9.21 -28.07 -0.18
C ASP B 159 -8.46 -26.90 0.47
N ARG B 160 -7.14 -27.03 0.65
CA ARG B 160 -6.28 -25.95 1.15
C ARG B 160 -5.68 -25.08 0.05
N PHE B 161 -5.96 -25.37 -1.22
CA PHE B 161 -5.28 -24.74 -2.34
C PHE B 161 -6.23 -23.80 -3.07
N TYR B 162 -5.79 -22.56 -3.25
CA TYR B 162 -6.59 -21.51 -3.87
C TYR B 162 -5.75 -20.81 -4.93
N ALA B 163 -6.42 -20.21 -5.93
CA ALA B 163 -5.76 -19.31 -6.86
C ALA B 163 -6.66 -18.09 -7.08
N MET B 164 -6.08 -16.99 -7.54
CA MET B 164 -6.76 -15.71 -7.39
C MET B 164 -7.41 -15.26 -8.69
N THR B 165 -8.74 -15.19 -8.68
CA THR B 165 -9.50 -14.43 -9.66
C THR B 165 -10.10 -13.18 -9.03
N THR B 166 -9.69 -12.83 -7.81
CA THR B 166 -10.24 -11.64 -7.14
C THR B 166 -9.99 -10.36 -7.93
N LEU B 167 -8.82 -10.22 -8.56
CA LEU B 167 -8.59 -8.98 -9.31
C LEU B 167 -9.53 -8.87 -10.51
N ASP B 168 -9.73 -9.99 -11.23
CA ASP B 168 -10.73 -10.02 -12.29
C ASP B 168 -12.09 -9.57 -11.77
N GLU B 169 -12.47 -10.12 -10.60
CA GLU B 169 -13.79 -9.86 -10.03
C GLU B 169 -13.95 -8.39 -9.65
N LEU B 170 -12.96 -7.81 -8.95
CA LEU B 170 -13.12 -6.41 -8.57
C LEU B 170 -13.13 -5.52 -9.82
N ARG B 171 -12.32 -5.84 -10.83
CA ARG B 171 -12.36 -5.10 -12.10
C ARG B 171 -13.75 -5.17 -12.71
N ALA B 172 -14.40 -6.34 -12.65
CA ALA B 172 -15.74 -6.48 -13.24
C ALA B 172 -16.78 -5.69 -12.46
N ARG B 173 -16.72 -5.73 -11.12
CA ARG B 173 -17.60 -4.92 -10.28
C ARG B 173 -17.53 -3.45 -10.66
N THR B 174 -16.33 -2.90 -10.83
CA THR B 174 -16.23 -1.46 -11.12
C THR B 174 -16.76 -1.14 -12.50
N GLN B 175 -16.53 -2.01 -13.49
CA GLN B 175 -17.12 -1.77 -14.81
C GLN B 175 -18.64 -1.74 -14.76
N LEU B 176 -19.25 -2.68 -14.04
CA LEU B 176 -20.71 -2.69 -13.91
C LEU B 176 -21.21 -1.43 -13.19
N ALA B 177 -20.57 -1.07 -12.07
CA ALA B 177 -21.03 0.10 -11.33
C ALA B 177 -20.88 1.38 -12.15
N LYS B 178 -19.76 1.50 -12.86
CA LYS B 178 -19.53 2.67 -13.70
C LYS B 178 -20.61 2.79 -14.78
N LYS B 179 -20.87 1.68 -15.48
CA LYS B 179 -21.87 1.71 -16.56
C LYS B 179 -23.26 2.05 -16.03
N ALA B 180 -23.64 1.44 -14.90
CA ALA B 180 -24.98 1.67 -14.37
C ALA B 180 -25.09 2.99 -13.61
N GLY B 181 -23.97 3.67 -13.39
CA GLY B 181 -23.99 4.94 -12.68
C GLY B 181 -24.35 4.80 -11.22
N VAL B 182 -23.84 3.75 -10.55
CA VAL B 182 -24.20 3.42 -9.17
C VAL B 182 -22.92 3.32 -8.36
N ASP B 183 -23.07 3.47 -7.04
CA ASP B 183 -21.91 3.29 -6.18
CA ASP B 183 -21.95 3.27 -6.13
C ASP B 183 -21.43 1.84 -6.22
N ILE B 184 -20.13 1.65 -5.98
CA ILE B 184 -19.55 0.31 -6.09
C ILE B 184 -20.26 -0.69 -5.18
N THR B 185 -20.79 -0.21 -4.04
CA THR B 185 -21.38 -1.14 -3.10
C THR B 185 -22.74 -1.62 -3.57
N ALA B 186 -23.30 -1.02 -4.63
CA ALA B 186 -24.56 -1.50 -5.18
C ALA B 186 -24.41 -2.80 -5.94
N VAL B 187 -23.18 -3.18 -6.29
CA VAL B 187 -22.93 -4.40 -7.05
C VAL B 187 -22.65 -5.52 -6.07
N THR B 188 -23.28 -6.68 -6.29
CA THR B 188 -23.07 -7.85 -5.43
C THR B 188 -22.97 -9.11 -6.27
N GLN B 189 -22.36 -10.14 -5.68
CA GLN B 189 -22.36 -11.50 -6.25
C GLN B 189 -21.71 -11.53 -7.64
N MET B 190 -20.58 -10.87 -7.76
CA MET B 190 -19.85 -10.91 -9.02
C MET B 190 -19.06 -12.21 -9.11
N THR B 191 -19.39 -13.04 -10.10
CA THR B 191 -18.72 -14.31 -10.29
C THR B 191 -17.89 -14.28 -11.57
N ILE B 192 -16.61 -14.62 -11.44
CA ILE B 192 -15.71 -14.90 -12.55
C ILE B 192 -15.59 -16.42 -12.64
N TRP B 193 -16.13 -17.03 -13.69
CA TRP B 193 -16.04 -18.48 -13.83
C TRP B 193 -14.77 -18.89 -14.57
N GLY B 194 -14.11 -19.93 -14.06
CA GLY B 194 -13.12 -20.65 -14.84
C GLY B 194 -11.69 -20.22 -14.57
N ASN B 195 -10.98 -19.84 -15.64
CA ASN B 195 -9.54 -19.62 -15.65
C ASN B 195 -9.23 -18.15 -15.47
N HIS B 196 -8.18 -17.84 -14.71
CA HIS B 196 -7.64 -16.48 -14.66
C HIS B 196 -6.86 -16.26 -15.96
N SER B 197 -7.59 -15.84 -17.00
CA SER B 197 -7.06 -15.74 -18.36
C SER B 197 -8.10 -15.05 -19.23
N ALA B 198 -7.76 -14.85 -20.50
CA ALA B 198 -8.69 -14.16 -21.38
C ALA B 198 -9.92 -15.02 -21.71
N THR B 199 -9.96 -16.28 -21.28
CA THR B 199 -11.18 -17.06 -21.48
C THR B 199 -12.12 -16.99 -20.29
N GLN B 200 -11.76 -16.26 -19.25
CA GLN B 200 -12.62 -16.14 -18.07
C GLN B 200 -14.02 -15.71 -18.48
N TYR B 201 -15.04 -16.17 -17.72
CA TYR B 201 -16.40 -15.72 -18.00
C TYR B 201 -16.92 -14.83 -16.87
N PRO B 202 -16.92 -13.50 -17.05
CA PRO B 202 -17.50 -12.61 -16.04
C PRO B 202 -19.01 -12.57 -16.23
N ASP B 203 -19.73 -13.13 -15.28
CA ASP B 203 -21.15 -13.49 -15.46
C ASP B 203 -22.02 -12.28 -15.10
N PHE B 204 -22.43 -11.52 -16.10
CA PHE B 204 -23.25 -10.33 -15.84
C PHE B 204 -24.73 -10.66 -15.68
N TYR B 205 -25.12 -11.93 -15.80
CA TYR B 205 -26.49 -12.32 -15.51
C TYR B 205 -26.69 -12.59 -14.03
N ASN B 206 -25.74 -13.28 -13.39
CA ASN B 206 -25.90 -13.60 -11.99
C ASN B 206 -25.39 -12.52 -11.06
N ALA B 207 -24.50 -11.65 -11.55
CA ALA B 207 -24.12 -10.46 -10.79
C ALA B 207 -25.34 -9.58 -10.63
N LYS B 208 -25.39 -8.81 -9.54
CA LYS B 208 -26.58 -8.02 -9.24
C LYS B 208 -26.18 -6.56 -9.01
N ILE B 209 -27.10 -5.66 -9.40
CA ILE B 209 -27.02 -4.23 -9.15
C ILE B 209 -28.28 -3.83 -8.41
N ASN B 210 -28.10 -3.33 -7.18
CA ASN B 210 -29.21 -3.08 -6.27
C ASN B 210 -30.14 -4.30 -6.21
N GLY B 211 -29.55 -5.49 -6.18
CA GLY B 211 -30.32 -6.71 -5.96
C GLY B 211 -30.94 -7.31 -7.20
N THR B 212 -30.76 -6.71 -8.36
CA THR B 212 -31.40 -7.13 -9.60
C THR B 212 -30.32 -7.53 -10.59
N SER B 213 -30.59 -8.58 -11.37
CA SER B 213 -29.62 -9.01 -12.37
C SER B 213 -29.08 -7.83 -13.15
N ALA B 214 -27.75 -7.75 -13.25
CA ALA B 214 -27.12 -6.64 -13.96
C ALA B 214 -27.58 -6.58 -15.41
N ALA B 215 -27.86 -7.74 -16.01
CA ALA B 215 -28.35 -7.79 -17.38
C ALA B 215 -29.75 -7.19 -17.53
N GLN B 216 -30.50 -7.09 -16.43
CA GLN B 216 -31.78 -6.38 -16.47
C GLN B 216 -31.67 -4.90 -16.16
N VAL B 217 -30.61 -4.49 -15.45
CA VAL B 217 -30.44 -3.07 -15.11
C VAL B 217 -29.74 -2.31 -16.23
N ILE B 218 -28.73 -2.92 -16.82
CA ILE B 218 -28.04 -2.40 -17.98
C ILE B 218 -28.70 -3.02 -19.20
N ASN B 219 -29.45 -2.21 -19.94
CA ASN B 219 -30.26 -2.75 -21.02
C ASN B 219 -29.52 -2.89 -22.33
N ASP B 220 -28.24 -2.54 -22.36
CA ASP B 220 -27.46 -2.58 -23.58
C ASP B 220 -26.84 -3.97 -23.65
N GLU B 221 -27.55 -4.88 -24.31
CA GLU B 221 -27.09 -6.27 -24.39
CA GLU B 221 -27.09 -6.28 -24.38
C GLU B 221 -25.76 -6.38 -25.12
N THR B 222 -25.53 -5.54 -26.13
CA THR B 222 -24.28 -5.61 -26.87
C THR B 222 -23.13 -5.11 -26.02
N TRP B 223 -23.34 -4.04 -25.27
CA TRP B 223 -22.31 -3.61 -24.32
C TRP B 223 -21.93 -4.73 -23.38
N LEU B 224 -22.93 -5.45 -22.83
CA LEU B 224 -22.61 -6.49 -21.85
C LEU B 224 -21.81 -7.63 -22.50
N LYS B 225 -22.24 -8.08 -23.68
CA LYS B 225 -21.60 -9.28 -24.22
C LYS B 225 -20.27 -8.98 -24.89
N GLU B 226 -20.12 -7.80 -25.49
CA GLU B 226 -18.88 -7.50 -26.18
C GLU B 226 -17.97 -6.60 -25.35
N THR B 227 -18.41 -5.39 -25.04
CA THR B 227 -17.53 -4.43 -24.36
C THR B 227 -17.19 -4.85 -22.94
N PHE B 228 -18.20 -5.19 -22.13
CA PHE B 228 -17.95 -5.48 -20.72
C PHE B 228 -17.01 -6.66 -20.55
N VAL B 229 -17.33 -7.79 -21.20
CA VAL B 229 -16.55 -9.02 -21.04
C VAL B 229 -15.12 -8.82 -21.54
N SER B 230 -14.96 -8.21 -22.70
CA SER B 230 -13.63 -7.96 -23.24
CA SER B 230 -13.62 -7.99 -23.22
C SER B 230 -12.83 -7.01 -22.34
N THR B 231 -13.48 -5.96 -21.82
CA THR B 231 -12.76 -4.99 -20.98
C THR B 231 -12.17 -5.68 -19.76
N VAL B 232 -12.94 -6.57 -19.13
CA VAL B 232 -12.44 -7.29 -17.97
C VAL B 232 -11.33 -8.26 -18.36
N GLN B 233 -11.51 -8.96 -19.48
CA GLN B 233 -10.49 -9.92 -19.92
C GLN B 233 -9.18 -9.24 -20.29
N GLN B 234 -9.22 -8.03 -20.85
CA GLN B 234 -8.02 -7.35 -21.33
C GLN B 234 -7.56 -6.22 -20.40
N ARG B 235 -8.13 -6.12 -19.20
CA ARG B 235 -7.82 -4.98 -18.34
C ARG B 235 -6.34 -4.94 -17.93
N GLY B 236 -5.74 -6.10 -17.64
CA GLY B 236 -4.33 -6.10 -17.28
C GLY B 236 -3.46 -5.50 -18.36
N ALA B 237 -3.73 -5.86 -19.61
CA ALA B 237 -2.97 -5.28 -20.72
C ALA B 237 -3.20 -3.78 -20.82
N ALA B 238 -4.43 -3.33 -20.52
CA ALA B 238 -4.70 -1.91 -20.67
C ALA B 238 -3.97 -1.10 -19.59
N VAL B 239 -3.90 -1.63 -18.37
CA VAL B 239 -3.16 -0.94 -17.31
C VAL B 239 -1.69 -0.84 -17.67
N ILE B 240 -1.11 -1.94 -18.15
CA ILE B 240 0.30 -1.94 -18.57
C ILE B 240 0.53 -0.87 -19.63
N LYS B 241 -0.36 -0.82 -20.63
CA LYS B 241 -0.21 0.20 -21.67
C LYS B 241 -0.23 1.60 -21.07
N ALA B 242 -1.14 1.84 -20.12
CA ALA B 242 -1.33 3.17 -19.54
C ALA B 242 -0.22 3.53 -18.53
N ARG B 243 0.01 2.67 -17.55
CA ARG B 243 1.01 2.97 -16.52
C ARG B 243 2.42 2.88 -17.08
N GLY B 244 2.71 1.83 -17.83
CA GLY B 244 4.07 1.45 -18.19
C GLY B 244 4.57 0.22 -17.47
N SER B 245 4.01 -0.11 -16.31
CA SER B 245 4.35 -1.29 -15.52
C SER B 245 3.09 -2.10 -15.26
N SER B 246 3.26 -3.25 -14.58
CA SER B 246 2.12 -4.07 -14.27
C SER B 246 1.24 -3.40 -13.21
N SER B 247 0.03 -3.95 -13.06
CA SER B 247 -0.93 -3.46 -12.09
C SER B 247 -0.61 -4.04 -10.71
N ALA B 248 0.51 -3.58 -10.14
CA ALA B 248 1.03 -4.19 -8.92
C ALA B 248 0.16 -3.85 -7.71
N ALA B 249 -0.18 -2.58 -7.56
CA ALA B 249 -0.92 -2.17 -6.36
C ALA B 249 -2.32 -2.74 -6.35
N SER B 250 -3.01 -2.75 -7.51
CA SER B 250 -4.33 -3.38 -7.55
C SER B 250 -4.27 -4.90 -7.40
N ALA B 251 -3.21 -5.54 -7.90
CA ALA B 251 -3.05 -6.97 -7.61
C ALA B 251 -2.84 -7.21 -6.11
N ALA B 252 -1.98 -6.39 -5.47
CA ALA B 252 -1.80 -6.52 -4.03
C ALA B 252 -3.11 -6.34 -3.31
N ASN B 253 -3.92 -5.36 -3.73
CA ASN B 253 -5.23 -5.18 -3.11
C ASN B 253 -6.12 -6.43 -3.28
N ALA B 254 -6.08 -7.05 -4.45
CA ALA B 254 -6.86 -8.26 -4.68
C ALA B 254 -6.42 -9.41 -3.77
N ILE B 255 -5.11 -9.50 -3.49
CA ILE B 255 -4.62 -10.53 -2.58
C ILE B 255 -5.13 -10.29 -1.17
N ILE B 256 -5.01 -9.03 -0.70
CA ILE B 256 -5.60 -8.65 0.59
C ILE B 256 -7.05 -9.06 0.64
N THR B 257 -7.79 -8.71 -0.42
CA THR B 257 -9.23 -8.92 -0.41
C THR B 257 -9.56 -10.41 -0.51
N GLY B 258 -8.82 -11.14 -1.33
CA GLY B 258 -9.14 -12.54 -1.52
C GLY B 258 -8.86 -13.37 -0.28
N VAL B 259 -7.70 -13.15 0.36
CA VAL B 259 -7.41 -13.87 1.58
C VAL B 259 -8.39 -13.47 2.67
N ASN B 260 -8.75 -12.20 2.72
CA ASN B 260 -9.75 -11.77 3.70
C ASN B 260 -11.08 -12.48 3.50
N HIS B 261 -11.51 -12.66 2.24
CA HIS B 261 -12.69 -13.47 1.94
C HIS B 261 -12.59 -14.89 2.55
N LEU B 262 -11.39 -15.43 2.67
CA LEU B 262 -11.25 -16.81 3.14
C LEU B 262 -11.11 -16.92 4.66
N VAL B 263 -10.94 -15.81 5.38
CA VAL B 263 -10.81 -15.84 6.82
C VAL B 263 -11.94 -15.13 7.55
N THR B 264 -12.92 -14.57 6.83
CA THR B 264 -14.05 -13.87 7.43
C THR B 264 -15.33 -14.30 6.74
N ASP B 265 -16.41 -14.42 7.50
CA ASP B 265 -17.68 -14.86 6.92
C ASP B 265 -18.25 -13.81 5.98
N THR B 266 -18.89 -14.28 4.93
CA THR B 266 -19.38 -13.39 3.88
C THR B 266 -20.65 -12.70 4.34
N PRO B 267 -20.73 -11.37 4.22
CA PRO B 267 -21.98 -10.66 4.54
C PRO B 267 -23.15 -11.24 3.76
N ALA B 268 -24.33 -11.16 4.37
CA ALA B 268 -25.55 -11.61 3.70
C ALA B 268 -25.65 -10.96 2.33
N GLY B 269 -26.06 -11.75 1.34
CA GLY B 269 -26.32 -11.21 0.02
C GLY B 269 -25.12 -11.09 -0.89
N GLU B 270 -23.92 -11.37 -0.40
CA GLU B 270 -22.73 -11.30 -1.24
C GLU B 270 -22.20 -12.68 -1.57
N SER B 271 -21.24 -12.71 -2.50
CA SER B 271 -20.46 -13.91 -2.80
C SER B 271 -19.17 -13.43 -3.42
N PHE B 272 -18.17 -14.32 -3.50
CA PHE B 272 -16.90 -13.93 -4.09
C PHE B 272 -16.37 -15.06 -4.97
N SER B 273 -15.57 -14.65 -5.96
CA SER B 273 -14.92 -15.59 -6.86
C SER B 273 -13.67 -16.17 -6.19
N MET B 274 -13.46 -17.48 -6.35
CA MET B 274 -12.25 -18.11 -5.83
C MET B 274 -11.94 -19.34 -6.67
N CYS B 275 -10.69 -19.46 -7.13
CA CYS B 275 -10.27 -20.73 -7.74
C CYS B 275 -9.99 -21.74 -6.64
N ARG B 276 -10.49 -22.97 -6.82
CA ARG B 276 -10.35 -24.02 -5.82
C ARG B 276 -10.40 -25.37 -6.52
N ARG B 277 -10.06 -26.41 -5.79
CA ARG B 277 -10.09 -27.75 -6.38
C ARG B 277 -11.52 -28.21 -6.60
N SER B 278 -11.87 -28.54 -7.83
CA SER B 278 -13.24 -28.97 -8.14
C SER B 278 -13.50 -30.34 -7.52
N LYS B 279 -14.65 -30.47 -6.86
CA LYS B 279 -15.21 -31.75 -6.45
C LYS B 279 -16.20 -32.29 -7.47
N GLY B 280 -16.36 -31.59 -8.61
CA GLY B 280 -17.36 -31.94 -9.61
C GLY B 280 -18.44 -30.90 -9.79
N GLU B 281 -18.41 -29.82 -9.01
CA GLU B 281 -19.48 -28.84 -9.08
C GLU B 281 -19.56 -28.26 -10.48
N TYR B 282 -20.79 -28.04 -10.95
CA TYR B 282 -21.07 -27.44 -12.25
C TYR B 282 -20.45 -28.23 -13.41
N GLY B 283 -20.21 -29.53 -13.22
CA GLY B 283 -19.63 -30.35 -14.26
C GLY B 283 -18.16 -30.14 -14.52
N VAL B 284 -17.45 -29.46 -13.62
CA VAL B 284 -16.02 -29.21 -13.78
C VAL B 284 -15.27 -30.44 -13.28
N ASP B 285 -14.44 -31.04 -14.15
CA ASP B 285 -13.67 -32.24 -13.81
C ASP B 285 -13.08 -32.16 -12.41
N GLU B 286 -13.33 -33.19 -11.61
CA GLU B 286 -12.66 -33.32 -10.32
C GLU B 286 -11.18 -33.06 -10.47
N GLY B 287 -10.62 -32.27 -9.54
CA GLY B 287 -9.19 -32.06 -9.45
C GLY B 287 -8.69 -30.81 -10.14
N LEU B 288 -9.44 -30.28 -11.11
CA LEU B 288 -9.08 -29.01 -11.73
C LEU B 288 -9.19 -27.86 -10.73
N ILE B 289 -8.29 -26.88 -10.87
CA ILE B 289 -8.42 -25.64 -10.13
C ILE B 289 -9.21 -24.68 -11.02
N PHE B 290 -10.36 -24.25 -10.52
CA PHE B 290 -11.36 -23.57 -11.36
C PHE B 290 -12.02 -22.50 -10.51
N SER B 291 -12.26 -21.32 -11.07
CA SER B 291 -12.90 -20.22 -10.33
C SER B 291 -14.40 -20.42 -10.21
N PHE B 292 -14.90 -20.48 -8.98
CA PHE B 292 -16.28 -20.72 -8.61
C PHE B 292 -16.83 -19.57 -7.77
N PRO B 293 -18.14 -19.32 -7.82
CA PRO B 293 -18.77 -18.46 -6.81
C PRO B 293 -18.77 -19.15 -5.46
N CYS B 294 -18.41 -18.42 -4.41
CA CYS B 294 -18.21 -18.97 -3.07
C CYS B 294 -18.77 -18.03 -2.01
N ARG B 295 -19.07 -18.63 -0.87
CA ARG B 295 -19.32 -17.93 0.37
C ARG B 295 -18.59 -18.66 1.48
N ARG B 296 -18.17 -17.91 2.49
CA ARG B 296 -17.68 -18.49 3.73
C ARG B 296 -18.79 -18.30 4.76
N GLU B 297 -19.34 -19.41 5.27
CA GLU B 297 -20.44 -19.38 6.22
C GLU B 297 -20.05 -20.18 7.46
N HIS B 298 -20.21 -19.57 8.64
CA HIS B 298 -19.81 -20.17 9.91
C HIS B 298 -18.44 -20.82 9.80
N GLY B 299 -17.49 -20.08 9.23
CA GLY B 299 -16.10 -20.49 9.15
C GLY B 299 -15.76 -21.52 8.07
N GLU B 300 -16.71 -21.93 7.23
CA GLU B 300 -16.43 -22.94 6.21
C GLU B 300 -16.69 -22.37 4.82
N LEU B 301 -15.77 -22.65 3.89
CA LEU B 301 -15.94 -22.23 2.50
C LEU B 301 -16.95 -23.14 1.82
N LYS B 302 -17.92 -22.56 1.15
CA LYS B 302 -18.94 -23.33 0.43
C LYS B 302 -19.06 -22.76 -0.96
N VAL B 303 -19.21 -23.64 -1.96
CA VAL B 303 -19.49 -23.22 -3.33
C VAL B 303 -20.96 -22.86 -3.40
N VAL B 304 -21.27 -21.75 -4.09
CA VAL B 304 -22.66 -21.38 -4.35
C VAL B 304 -23.15 -22.26 -5.49
N GLU B 305 -24.17 -23.06 -5.22
CA GLU B 305 -24.66 -23.97 -6.25
C GLU B 305 -26.01 -23.51 -6.79
N ASN B 306 -26.43 -24.15 -7.87
CA ASN B 306 -27.70 -23.92 -8.55
C ASN B 306 -27.78 -22.60 -9.33
N LEU B 307 -26.67 -21.87 -9.50
CA LEU B 307 -26.69 -20.74 -10.41
C LEU B 307 -26.95 -21.22 -11.84
N GLU B 308 -27.67 -20.41 -12.62
CA GLU B 308 -28.07 -20.84 -13.95
C GLU B 308 -27.28 -20.11 -15.03
N PHE B 309 -27.31 -20.69 -16.24
CA PHE B 309 -26.66 -20.16 -17.41
C PHE B 309 -27.68 -20.10 -18.54
N ASN B 310 -27.50 -19.16 -19.50
CA ASN B 310 -28.18 -19.29 -20.78
C ASN B 310 -27.21 -19.90 -21.79
N ASP B 311 -27.66 -20.01 -23.06
CA ASP B 311 -26.81 -20.64 -24.07
C ASP B 311 -25.50 -19.87 -24.25
N PHE B 312 -25.57 -18.53 -24.26
CA PHE B 312 -24.36 -17.72 -24.35
C PHE B 312 -23.38 -18.04 -23.23
N GLY B 313 -23.89 -18.14 -22.01
CA GLY B 313 -23.01 -18.38 -20.89
C GLY B 313 -22.45 -19.80 -20.91
N ARG B 314 -23.25 -20.77 -21.34
CA ARG B 314 -22.77 -22.15 -21.40
C ARG B 314 -21.56 -22.25 -22.33
N GLU B 315 -21.62 -21.58 -23.48
CA GLU B 315 -20.49 -21.61 -24.41
C GLU B 315 -19.23 -21.03 -23.78
N ARG B 316 -19.35 -19.87 -23.13
CA ARG B 316 -18.21 -19.26 -22.47
C ARG B 316 -17.66 -20.15 -21.37
N PHE B 317 -18.56 -20.73 -20.57
CA PHE B 317 -18.15 -21.68 -19.53
C PHE B 317 -17.37 -22.84 -20.13
N ASN B 318 -17.90 -23.45 -21.21
CA ASN B 318 -17.22 -24.59 -21.82
C ASN B 318 -15.87 -24.17 -22.41
N THR B 319 -15.78 -22.97 -22.97
CA THR B 319 -14.48 -22.54 -23.50
C THR B 319 -13.42 -22.47 -22.41
N THR B 320 -13.77 -21.93 -21.26
CA THR B 320 -12.73 -21.75 -20.24
C THR B 320 -12.43 -23.08 -19.54
N LEU B 321 -13.44 -23.94 -19.38
CA LEU B 321 -13.20 -25.29 -18.88
C LEU B 321 -12.24 -26.06 -19.79
N ASN B 322 -12.50 -26.01 -21.10
CA ASN B 322 -11.61 -26.74 -22.01
C ASN B 322 -10.21 -26.16 -22.03
N GLU B 323 -10.06 -24.86 -21.82
CA GLU B 323 -8.72 -24.29 -21.72
C GLU B 323 -7.99 -24.85 -20.50
N LEU B 324 -8.68 -24.95 -19.36
CA LEU B 324 -8.04 -25.49 -18.15
C LEU B 324 -7.73 -26.98 -18.30
N ARG B 325 -8.61 -27.72 -18.96
CA ARG B 325 -8.30 -29.10 -19.32
C ARG B 325 -7.06 -29.16 -20.20
N SER B 326 -6.97 -28.24 -21.17
CA SER B 326 -5.82 -28.24 -22.07
C SER B 326 -4.54 -27.93 -21.32
N GLU B 327 -4.59 -26.99 -20.36
CA GLU B 327 -3.39 -26.68 -19.58
C GLU B 327 -2.98 -27.87 -18.73
N ARG B 328 -3.96 -28.53 -18.10
CA ARG B 328 -3.64 -29.71 -17.29
C ARG B 328 -2.97 -30.79 -18.13
N ASP B 329 -3.53 -31.06 -19.32
CA ASP B 329 -2.96 -32.07 -20.21
C ASP B 329 -1.55 -31.69 -20.63
N THR B 330 -1.31 -30.39 -20.83
CA THR B 330 0.02 -29.94 -21.25
C THR B 330 1.08 -30.20 -20.16
N VAL B 331 0.82 -29.77 -18.91
CA VAL B 331 1.83 -29.99 -17.88
C VAL B 331 1.94 -31.47 -17.51
N LYS B 332 0.85 -32.23 -17.67
CA LYS B 332 0.97 -33.69 -17.52
C LYS B 332 1.90 -34.25 -18.58
N SER B 333 1.69 -33.81 -19.83
CA SER B 333 2.57 -34.20 -20.94
C SER B 333 4.02 -33.82 -20.65
N LEU B 334 4.24 -32.69 -19.97
CA LEU B 334 5.60 -32.25 -19.61
C LEU B 334 6.19 -33.05 -18.46
N GLY B 335 5.41 -33.91 -17.82
CA GLY B 335 5.92 -34.67 -16.69
C GLY B 335 5.88 -33.94 -15.37
N LEU B 336 5.08 -32.87 -15.27
CA LEU B 336 5.04 -32.03 -14.07
C LEU B 336 4.09 -32.53 -13.00
N LEU B 337 3.27 -33.54 -13.28
CA LEU B 337 2.40 -34.13 -12.26
C LEU B 337 2.92 -35.48 -11.79
N ASP B 338 4.20 -35.76 -12.05
CA ASP B 338 4.89 -37.03 -11.75
C ASP B 338 4.54 -38.10 -12.77
#